data_6S2A
#
_entry.id   6S2A
#
_cell.length_a   130.759
_cell.length_b   130.759
_cell.length_c   216.898
_cell.angle_alpha   90.00
_cell.angle_beta   90.00
_cell.angle_gamma   120.00
#
_symmetry.space_group_name_H-M   'P 63 2 2'
#
loop_
_entity.id
_entity.type
_entity.pdbx_description
1 polymer '1-phosphatidylinositol phosphodiesterase'
2 non-polymer 1,2,3,4,5,6-HEXAHYDROXY-CYCLOHEXANE
3 water water
#
_entity_poly.entity_id   1
_entity_poly.type   'polypeptide(L)'
_entity_poly.pdbx_seq_one_letter_code
;GAMTSSVNELENWSKWMQPIPDSIPLARISIPGTHDSGTFKLQNPIKQVWGMTQEYDFRYQMDHGARIFDIRGRLTDDNT
IVLHAGPLYLYVTLHEFINEAKQFLKDNPSETIIMSLKKEYEDMKGAEDSFSSTFEKKYFVDPIFLKTEGNIKLGDARGK
IVLLKRYSGSNEPGGYNNFYWPDNETFTTTVNQNANVTVQDKYKVSYDEKVKSIKDTMDETMNNSEDLNHLYINFTSLSS
GGTAWNSPYYYASYINPEIANYIKQKNPARVGWVIQDYINEKWSPLLYQEVIRANKSLIKE
;
_entity_poly.pdbx_strand_id   A,B,C
#
loop_
_chem_comp.id
_chem_comp.type
_chem_comp.name
_chem_comp.formula
INS non-polymer 1,2,3,4,5,6-HEXAHYDROXY-CYCLOHEXANE 'C6 H12 O6'
#
# COMPACT_ATOMS: atom_id res chain seq x y z
N THR A 4 5.27 2.93 21.87
CA THR A 4 5.51 3.92 20.81
C THR A 4 6.37 3.37 19.68
N SER A 5 5.72 2.78 18.68
CA SER A 5 6.38 2.30 17.47
C SER A 5 5.46 2.56 16.28
N SER A 6 6.05 2.88 15.13
CA SER A 6 5.26 3.23 13.96
C SER A 6 5.90 2.70 12.68
N VAL A 7 5.06 2.48 11.67
CA VAL A 7 5.51 2.10 10.35
C VAL A 7 6.38 3.19 9.73
N ASN A 8 6.27 4.42 10.24
CA ASN A 8 7.15 5.49 9.77
C ASN A 8 8.61 5.07 9.85
N GLU A 9 8.99 4.41 10.94
CA GLU A 9 10.39 4.11 11.19
C GLU A 9 10.94 3.09 10.19
N LEU A 10 10.09 2.30 9.56
CA LEU A 10 10.54 1.40 8.51
C LEU A 10 11.09 2.16 7.30
N GLU A 11 10.82 3.46 7.19
CA GLU A 11 11.30 4.22 6.05
C GLU A 11 12.74 4.69 6.23
N ASN A 12 13.32 4.50 7.42
CA ASN A 12 14.70 4.86 7.71
C ASN A 12 15.56 3.62 7.47
N TRP A 13 16.14 3.49 6.27
CA TRP A 13 16.89 2.28 5.97
C TRP A 13 18.05 2.03 6.93
N SER A 14 18.50 3.05 7.66
CA SER A 14 19.62 2.92 8.59
C SER A 14 19.19 2.43 9.96
N LYS A 15 17.89 2.52 10.30
CA LYS A 15 17.43 2.11 11.62
C LYS A 15 16.16 1.26 11.53
N TRP A 16 15.90 0.60 10.39
CA TRP A 16 14.55 0.07 10.14
C TRP A 16 14.17 -1.09 11.04
N MET A 17 15.10 -1.69 11.77
CA MET A 17 14.76 -2.73 12.73
C MET A 17 14.27 -2.16 14.07
N GLN A 18 14.44 -0.85 14.30
CA GLN A 18 14.06 -0.25 15.57
C GLN A 18 12.60 -0.51 15.95
N PRO A 19 11.60 -0.25 15.10
CA PRO A 19 10.20 -0.39 15.51
C PRO A 19 9.70 -1.81 15.61
N ILE A 20 10.48 -2.80 15.19
CA ILE A 20 10.03 -4.20 15.25
C ILE A 20 10.18 -4.69 16.69
N PRO A 21 9.16 -5.34 17.25
CA PRO A 21 9.27 -5.78 18.64
C PRO A 21 10.48 -6.66 18.86
N ASP A 22 11.10 -6.50 20.03
CA ASP A 22 12.31 -7.23 20.35
C ASP A 22 12.07 -8.72 20.44
N SER A 23 10.83 -9.13 20.65
CA SER A 23 10.47 -10.52 20.84
C SER A 23 10.33 -11.31 19.54
N ILE A 24 10.33 -10.63 18.39
CA ILE A 24 10.16 -11.34 17.13
C ILE A 24 11.45 -12.08 16.78
N PRO A 25 11.38 -13.35 16.39
CA PRO A 25 12.60 -14.03 15.92
C PRO A 25 13.10 -13.42 14.61
N LEU A 26 14.41 -13.43 14.45
CA LEU A 26 15.00 -12.93 13.21
C LEU A 26 14.44 -13.65 11.99
N ALA A 27 14.17 -14.94 12.13
CA ALA A 27 13.68 -15.71 10.98
C ALA A 27 12.33 -15.18 10.50
N ARG A 28 11.49 -14.71 11.42
CA ARG A 28 10.19 -14.17 11.01
C ARG A 28 10.37 -12.88 10.20
N ILE A 29 11.34 -12.03 10.61
CA ILE A 29 11.54 -10.73 9.96
C ILE A 29 11.95 -10.93 8.50
N SER A 30 11.40 -10.09 7.62
CA SER A 30 11.83 -10.06 6.23
C SER A 30 13.04 -9.14 6.13
N ILE A 31 14.18 -9.67 5.68
CA ILE A 31 15.44 -8.94 5.78
C ILE A 31 16.15 -8.89 4.43
N PRO A 32 16.66 -7.73 4.02
CA PRO A 32 17.48 -7.67 2.81
C PRO A 32 18.93 -8.07 3.10
N GLY A 33 19.56 -8.69 2.10
CA GLY A 33 20.95 -9.04 2.20
C GLY A 33 21.67 -8.78 0.89
N THR A 34 22.99 -8.88 0.93
CA THR A 34 23.79 -8.72 -0.26
C THR A 34 24.57 -9.99 -0.55
N HIS A 35 24.60 -10.39 -1.81
CA HIS A 35 25.27 -11.61 -2.24
C HIS A 35 26.69 -11.26 -2.68
N ASP A 36 27.67 -12.06 -2.22
CA ASP A 36 29.07 -11.79 -2.50
C ASP A 36 29.42 -10.35 -2.11
N SER A 37 29.13 -10.04 -0.83
CA SER A 37 29.04 -8.66 -0.39
C SER A 37 30.33 -7.87 -0.63
N GLY A 38 31.48 -8.55 -0.64
CA GLY A 38 32.75 -7.83 -0.67
C GLY A 38 33.41 -7.63 -2.03
N THR A 39 32.65 -7.77 -3.13
CA THR A 39 33.24 -7.67 -4.46
C THR A 39 33.26 -6.25 -5.00
N PHE A 40 33.09 -5.23 -4.16
CA PHE A 40 32.85 -3.89 -4.67
C PHE A 40 34.12 -3.11 -4.98
N LYS A 41 35.30 -3.67 -4.75
CA LYS A 41 36.54 -2.96 -5.08
C LYS A 41 37.13 -3.40 -6.41
N LEU A 42 36.55 -4.41 -7.06
CA LEU A 42 37.09 -4.91 -8.31
C LEU A 42 37.00 -3.85 -9.39
N GLN A 43 38.03 -3.78 -10.21
CA GLN A 43 38.10 -2.82 -11.31
C GLN A 43 38.37 -3.48 -12.65
N ASN A 44 39.27 -4.45 -12.70
CA ASN A 44 39.60 -5.14 -13.94
C ASN A 44 38.32 -5.63 -14.63
N PRO A 45 38.14 -5.37 -15.92
CA PRO A 45 36.84 -5.68 -16.55
C PRO A 45 36.50 -7.15 -16.59
N ILE A 46 37.49 -8.02 -16.80
CA ILE A 46 37.20 -9.45 -16.85
C ILE A 46 36.79 -9.95 -15.47
N LYS A 47 37.42 -9.43 -14.41
CA LYS A 47 37.02 -9.80 -13.07
C LYS A 47 35.58 -9.36 -12.81
N GLN A 48 35.19 -8.21 -13.37
CA GLN A 48 33.87 -7.66 -13.09
C GLN A 48 32.76 -8.53 -13.68
N VAL A 49 32.84 -8.84 -14.98
CA VAL A 49 31.74 -9.54 -15.65
C VAL A 49 31.55 -10.95 -15.08
N TRP A 50 32.60 -11.52 -14.49
CA TRP A 50 32.50 -12.88 -13.96
C TRP A 50 32.15 -12.91 -12.48
N GLY A 51 32.63 -11.94 -11.70
CA GLY A 51 32.56 -12.09 -10.26
C GLY A 51 31.99 -10.95 -9.46
N MET A 52 31.87 -9.76 -10.06
CA MET A 52 31.40 -8.59 -9.31
C MET A 52 29.89 -8.62 -9.11
N THR A 53 29.45 -8.39 -7.87
CA THR A 53 28.04 -8.43 -7.50
C THR A 53 27.56 -7.20 -6.73
N GLN A 54 28.44 -6.29 -6.35
CA GLN A 54 28.07 -5.08 -5.63
C GLN A 54 28.99 -3.95 -6.08
N GLU A 55 28.46 -2.74 -6.14
CA GLU A 55 29.26 -1.59 -6.54
C GLU A 55 29.53 -0.57 -5.44
N TYR A 56 28.96 -0.74 -4.25
CA TYR A 56 29.19 0.16 -3.12
C TYR A 56 29.71 -0.62 -1.92
N ASP A 57 30.32 0.11 -0.98
CA ASP A 57 31.03 -0.55 0.11
C ASP A 57 30.05 -1.03 1.18
N PHE A 58 30.58 -1.66 2.23
CA PHE A 58 29.73 -2.29 3.24
C PHE A 58 28.82 -1.27 3.90
N ARG A 59 29.35 -0.09 4.24
CA ARG A 59 28.53 0.90 4.92
C ARG A 59 27.38 1.37 4.06
N TYR A 60 27.63 1.55 2.76
CA TYR A 60 26.55 1.88 1.84
C TYR A 60 25.47 0.80 1.88
N GLN A 61 25.88 -0.45 1.78
CA GLN A 61 24.92 -1.55 1.79
C GLN A 61 24.05 -1.51 3.05
N MET A 62 24.68 -1.34 4.20
CA MET A 62 23.93 -1.25 5.45
C MET A 62 23.01 -0.04 5.45
N ASP A 63 23.48 1.10 4.94
CA ASP A 63 22.65 2.30 4.92
C ASP A 63 21.50 2.20 3.93
N HIS A 64 21.48 1.17 3.08
CA HIS A 64 20.32 0.93 2.22
C HIS A 64 19.49 -0.26 2.71
N GLY A 65 19.61 -0.61 3.99
CA GLY A 65 18.70 -1.52 4.63
C GLY A 65 19.20 -2.95 4.70
N ALA A 66 20.27 -3.28 4.00
CA ALA A 66 20.79 -4.64 4.02
C ALA A 66 21.32 -4.96 5.41
N ARG A 67 20.88 -6.09 5.96
CA ARG A 67 21.37 -6.54 7.26
C ARG A 67 22.03 -7.92 7.20
N ILE A 68 21.92 -8.62 6.08
CA ILE A 68 22.57 -9.92 5.90
C ILE A 68 23.73 -9.75 4.93
N PHE A 69 24.87 -10.35 5.27
CA PHE A 69 26.06 -10.17 4.45
C PHE A 69 26.70 -11.52 4.16
N ASP A 70 26.98 -11.74 2.89
CA ASP A 70 27.45 -13.01 2.37
C ASP A 70 28.96 -12.90 2.27
N ILE A 71 29.65 -13.26 3.36
CA ILE A 71 31.09 -13.08 3.47
C ILE A 71 31.75 -14.40 3.08
N ARG A 72 32.58 -14.34 2.05
CA ARG A 72 33.30 -15.50 1.54
C ARG A 72 34.78 -15.33 1.81
N GLY A 73 35.36 -16.22 2.60
CA GLY A 73 36.73 -16.02 3.04
C GLY A 73 37.74 -17.04 2.55
N ARG A 74 39.02 -16.65 2.58
CA ARG A 74 40.14 -17.54 2.34
C ARG A 74 41.22 -17.30 3.38
N LEU A 75 41.80 -18.39 3.87
CA LEU A 75 42.86 -18.33 4.87
C LEU A 75 44.20 -18.13 4.17
N THR A 76 44.90 -17.07 4.53
CA THR A 76 46.17 -16.74 3.90
C THR A 76 47.33 -17.31 4.72
N ASP A 77 48.54 -17.18 4.16
CA ASP A 77 49.70 -17.79 4.81
C ASP A 77 50.18 -16.99 6.03
N ASP A 78 49.72 -15.76 6.23
CA ASP A 78 50.01 -15.07 7.48
C ASP A 78 48.86 -15.18 8.48
N ASN A 79 47.99 -16.17 8.30
CA ASN A 79 46.99 -16.54 9.31
C ASN A 79 45.93 -15.46 9.51
N THR A 80 45.56 -14.78 8.43
CA THR A 80 44.40 -13.91 8.40
C THR A 80 43.44 -14.47 7.37
N ILE A 81 42.19 -14.01 7.43
CA ILE A 81 41.15 -14.42 6.48
C ILE A 81 40.82 -13.21 5.61
N VAL A 82 40.99 -13.38 4.30
CA VAL A 82 40.68 -12.33 3.34
C VAL A 82 39.46 -12.76 2.53
N LEU A 83 38.91 -11.82 1.77
CA LEU A 83 37.71 -12.07 1.01
C LEU A 83 38.04 -12.50 -0.42
N HIS A 84 37.26 -13.45 -0.92
CA HIS A 84 37.42 -14.01 -2.25
C HIS A 84 36.05 -14.14 -2.89
N ALA A 85 36.05 -14.19 -4.22
CA ALA A 85 34.90 -14.62 -5.02
C ALA A 85 35.51 -15.66 -5.96
N GLY A 86 35.24 -16.93 -5.69
CA GLY A 86 35.94 -17.99 -6.37
C GLY A 86 37.44 -17.88 -6.17
N PRO A 87 38.18 -17.78 -7.26
CA PRO A 87 39.65 -17.65 -7.16
C PRO A 87 40.14 -16.20 -7.13
N LEU A 88 39.24 -15.22 -7.10
CA LEU A 88 39.61 -13.82 -7.15
C LEU A 88 39.85 -13.25 -5.75
N TYR A 89 41.03 -12.68 -5.55
CA TYR A 89 41.26 -11.82 -4.39
C TYR A 89 40.46 -10.52 -4.55
N LEU A 90 39.88 -10.06 -3.44
CA LEU A 90 38.95 -8.93 -3.46
C LEU A 90 39.51 -7.66 -2.85
N TYR A 91 40.71 -7.68 -2.27
CA TYR A 91 41.32 -6.51 -1.63
C TYR A 91 40.50 -6.04 -0.43
N VAL A 92 39.78 -6.95 0.19
CA VAL A 92 39.00 -6.71 1.39
C VAL A 92 39.32 -7.81 2.38
N THR A 93 39.49 -7.47 3.65
CA THR A 93 39.82 -8.46 4.67
C THR A 93 38.64 -8.68 5.59
N LEU A 94 38.70 -9.80 6.31
CA LEU A 94 37.62 -10.13 7.24
C LEU A 94 37.52 -9.11 8.37
N HIS A 95 38.66 -8.67 8.92
CA HIS A 95 38.62 -7.62 9.92
C HIS A 95 37.99 -6.36 9.35
N GLU A 96 38.34 -6.01 8.11
CA GLU A 96 37.79 -4.82 7.48
C GLU A 96 36.26 -4.82 7.55
N PHE A 97 35.63 -5.94 7.23
CA PHE A 97 34.17 -5.99 7.27
C PHE A 97 33.66 -5.88 8.69
N ILE A 98 34.25 -6.64 9.62
CA ILE A 98 33.78 -6.61 11.00
C ILE A 98 33.88 -5.19 11.57
N ASN A 99 34.94 -4.46 11.21
CA ASN A 99 35.08 -3.10 11.72
C ASN A 99 34.01 -2.18 11.13
N GLU A 100 33.65 -2.38 9.85
CA GLU A 100 32.53 -1.63 9.29
C GLU A 100 31.23 -1.98 9.98
N ALA A 101 31.04 -3.27 10.29
CA ALA A 101 29.87 -3.67 11.04
C ALA A 101 29.88 -3.04 12.43
N LYS A 102 31.02 -3.06 13.10
CA LYS A 102 31.09 -2.47 14.43
C LYS A 102 30.68 -1.00 14.39
N GLN A 103 31.26 -0.23 13.46
CA GLN A 103 30.90 1.17 13.31
C GLN A 103 29.41 1.34 13.04
N PHE A 104 28.85 0.51 12.16
CA PHE A 104 27.42 0.65 11.88
C PHE A 104 26.59 0.35 13.13
N LEU A 105 26.94 -0.72 13.86
CA LEU A 105 26.18 -1.03 15.06
C LEU A 105 26.34 0.02 16.14
N LYS A 106 27.50 0.68 16.21
CA LYS A 106 27.64 1.78 17.18
C LYS A 106 26.78 2.97 16.76
N ASP A 107 26.75 3.28 15.47
CA ASP A 107 25.94 4.42 15.01
C ASP A 107 24.45 4.11 15.09
N ASN A 108 24.06 2.86 14.91
CA ASN A 108 22.66 2.45 14.89
C ASN A 108 22.48 1.25 15.81
N PRO A 109 22.55 1.47 17.13
CA PRO A 109 22.52 0.33 18.07
C PRO A 109 21.21 -0.43 18.12
N SER A 110 20.17 0.05 17.42
CA SER A 110 18.91 -0.68 17.33
C SER A 110 18.98 -1.86 16.38
N GLU A 111 20.01 -1.93 15.55
CA GLU A 111 20.10 -2.89 14.46
C GLU A 111 20.96 -4.08 14.84
N THR A 112 20.91 -5.09 13.98
CA THR A 112 21.76 -6.25 14.07
C THR A 112 22.38 -6.50 12.71
N ILE A 113 23.51 -7.19 12.70
CA ILE A 113 24.18 -7.59 11.48
C ILE A 113 24.26 -9.10 11.46
N ILE A 114 23.75 -9.71 10.40
CA ILE A 114 23.83 -11.15 10.19
C ILE A 114 24.91 -11.39 9.15
N MET A 115 25.93 -12.15 9.54
CA MET A 115 27.09 -12.40 8.71
C MET A 115 27.13 -13.89 8.37
N SER A 116 26.92 -14.19 7.09
CA SER A 116 27.13 -15.54 6.57
C SER A 116 28.60 -15.71 6.24
N LEU A 117 29.26 -16.71 6.84
CA LEU A 117 30.67 -16.98 6.56
C LEU A 117 30.83 -18.34 5.90
N LYS A 118 31.54 -18.35 4.78
CA LYS A 118 31.80 -19.57 4.04
C LYS A 118 33.28 -19.57 3.66
N LYS A 119 33.86 -20.77 3.64
CA LYS A 119 35.22 -20.94 3.15
C LYS A 119 35.17 -21.02 1.62
N GLU A 120 35.65 -19.98 0.95
CA GLU A 120 35.45 -19.83 -0.48
C GLU A 120 36.55 -20.48 -1.34
N TYR A 121 37.75 -20.69 -0.81
CA TYR A 121 38.83 -21.26 -1.63
C TYR A 121 39.83 -21.96 -0.71
N GLU A 122 40.57 -22.90 -1.28
CA GLU A 122 41.51 -23.72 -0.51
C GLU A 122 42.47 -22.85 0.30
N ASP A 123 42.78 -23.30 1.51
CA ASP A 123 43.75 -22.59 2.33
C ASP A 123 45.06 -22.42 1.58
N MET A 124 45.76 -21.31 1.86
CA MET A 124 47.13 -21.19 1.40
C MET A 124 48.02 -22.14 2.21
N LYS A 125 49.06 -22.65 1.55
CA LYS A 125 49.84 -23.73 2.13
C LYS A 125 50.54 -23.32 3.42
N GLY A 126 50.99 -22.07 3.51
CA GLY A 126 51.79 -21.70 4.67
C GLY A 126 51.04 -21.54 5.99
N ALA A 127 49.73 -21.70 6.02
CA ALA A 127 48.98 -21.43 7.25
C ALA A 127 49.21 -22.54 8.28
N GLU A 128 49.12 -22.16 9.56
CA GLU A 128 49.44 -23.06 10.65
C GLU A 128 48.24 -23.81 11.20
N ASP A 129 47.02 -23.31 10.96
CA ASP A 129 45.80 -23.87 11.51
C ASP A 129 44.75 -24.00 10.41
N SER A 130 43.60 -24.53 10.78
CA SER A 130 42.53 -24.69 9.82
C SER A 130 41.72 -23.41 9.73
N PHE A 131 40.97 -23.30 8.64
CA PHE A 131 40.08 -22.16 8.45
C PHE A 131 39.14 -21.98 9.63
N SER A 132 38.39 -23.04 9.99
CA SER A 132 37.41 -22.90 11.05
C SER A 132 38.06 -22.52 12.38
N SER A 133 39.20 -23.14 12.69
CA SER A 133 39.86 -22.82 13.95
C SER A 133 40.39 -21.40 13.94
N THR A 134 41.05 -21.00 12.84
CA THR A 134 41.56 -19.64 12.73
C THR A 134 40.42 -18.64 12.93
N PHE A 135 39.31 -18.85 12.21
CA PHE A 135 38.20 -17.91 12.31
C PHE A 135 37.67 -17.82 13.74
N GLU A 136 37.51 -18.95 14.41
CA GLU A 136 36.86 -18.94 15.71
C GLU A 136 37.78 -18.41 16.81
N LYS A 137 39.09 -18.70 16.72
CA LYS A 137 39.99 -18.27 17.77
C LYS A 137 40.41 -16.81 17.62
N LYS A 138 40.55 -16.31 16.39
CA LYS A 138 41.09 -14.98 16.18
C LYS A 138 40.02 -13.94 15.84
N TYR A 139 38.81 -14.36 15.50
CA TYR A 139 37.76 -13.42 15.12
C TYR A 139 36.49 -13.60 15.93
N PHE A 140 36.03 -14.85 16.07
CA PHE A 140 34.68 -15.10 16.58
C PHE A 140 34.57 -14.91 18.09
N VAL A 141 35.63 -15.22 18.86
CA VAL A 141 35.52 -15.10 20.31
C VAL A 141 35.29 -13.66 20.72
N ASP A 142 35.53 -12.72 19.81
CA ASP A 142 35.17 -11.33 20.02
C ASP A 142 33.74 -11.22 20.54
N PRO A 143 33.49 -10.42 21.57
CA PRO A 143 32.12 -10.33 22.14
C PRO A 143 31.11 -9.67 21.22
N ILE A 144 31.52 -9.04 20.12
CA ILE A 144 30.51 -8.44 19.24
C ILE A 144 29.63 -9.51 18.60
N PHE A 145 30.13 -10.73 18.47
CA PHE A 145 29.35 -11.85 17.95
C PHE A 145 28.51 -12.45 19.07
N LEU A 146 27.19 -12.47 18.89
CA LEU A 146 26.32 -13.14 19.84
C LEU A 146 26.58 -14.65 19.86
N LYS A 147 26.71 -15.21 21.07
CA LYS A 147 27.11 -16.60 21.25
C LYS A 147 25.94 -17.51 21.62
N THR A 148 24.75 -16.96 21.79
CA THR A 148 23.59 -17.79 22.09
C THR A 148 23.03 -18.37 20.80
N GLU A 149 22.10 -19.31 20.94
CA GLU A 149 21.59 -20.02 19.77
C GLU A 149 20.07 -20.08 19.78
N GLY A 150 19.50 -21.20 19.32
CA GLY A 150 18.06 -21.32 19.30
C GLY A 150 17.44 -20.51 18.19
N ASN A 151 16.18 -20.12 18.39
CA ASN A 151 15.46 -19.28 17.43
C ASN A 151 15.71 -17.84 17.83
N ILE A 152 16.83 -17.29 17.33
CA ILE A 152 17.38 -16.05 17.84
C ILE A 152 16.38 -14.92 17.69
N LYS A 153 16.12 -14.20 18.77
CA LYS A 153 15.20 -13.08 18.78
C LYS A 153 15.95 -11.77 18.49
N LEU A 154 15.26 -10.84 17.83
CA LEU A 154 15.86 -9.56 17.50
C LEU A 154 16.41 -8.88 18.76
N GLY A 155 15.66 -8.95 19.87
CA GLY A 155 16.09 -8.28 21.09
C GLY A 155 17.48 -8.68 21.53
N ASP A 156 17.81 -9.96 21.40
CA ASP A 156 19.16 -10.39 21.76
C ASP A 156 20.19 -10.00 20.71
N ALA A 157 19.76 -9.77 19.46
CA ALA A 157 20.68 -9.51 18.36
C ALA A 157 21.02 -8.03 18.18
N ARG A 158 20.20 -7.12 18.70
CA ARG A 158 20.49 -5.70 18.57
C ARG A 158 21.89 -5.40 19.05
N GLY A 159 22.64 -4.64 18.27
CA GLY A 159 23.99 -4.29 18.66
C GLY A 159 25.01 -5.42 18.58
N LYS A 160 24.63 -6.59 18.09
CA LYS A 160 25.55 -7.69 17.95
C LYS A 160 25.60 -8.12 16.49
N ILE A 161 26.58 -8.94 16.16
CA ILE A 161 26.64 -9.64 14.89
C ILE A 161 26.16 -11.07 15.12
N VAL A 162 25.24 -11.52 14.29
CA VAL A 162 24.70 -12.88 14.40
C VAL A 162 25.32 -13.72 13.28
N LEU A 163 26.07 -14.77 13.66
CA LEU A 163 26.79 -15.55 12.68
C LEU A 163 25.90 -16.61 12.05
N LEU A 164 26.01 -16.77 10.73
CA LEU A 164 25.39 -17.87 10.00
C LEU A 164 26.54 -18.72 9.42
N LYS A 165 26.79 -19.86 10.04
CA LYS A 165 27.93 -20.71 9.68
C LYS A 165 27.65 -21.46 8.38
N ARG A 166 28.39 -21.15 7.33
CA ARG A 166 28.43 -21.96 6.12
C ARG A 166 29.78 -22.64 5.99
N TYR A 167 30.37 -23.00 7.11
CA TYR A 167 31.63 -23.72 7.16
C TYR A 167 31.50 -24.88 8.15
N SER A 168 32.25 -25.95 7.89
CA SER A 168 32.26 -27.05 8.83
C SER A 168 33.32 -26.82 9.90
N GLY A 169 33.19 -27.57 11.00
CA GLY A 169 34.24 -27.66 12.00
C GLY A 169 34.06 -26.80 13.24
N SER A 170 32.93 -26.10 13.37
CA SER A 170 32.73 -25.19 14.49
C SER A 170 32.94 -25.90 15.82
N ASN A 171 33.62 -25.21 16.74
CA ASN A 171 33.76 -25.67 18.12
C ASN A 171 33.21 -24.65 19.10
N GLU A 172 32.68 -23.53 18.61
CA GLU A 172 32.20 -22.49 19.48
C GLU A 172 30.71 -22.27 19.25
N PRO A 173 29.89 -22.32 20.29
CA PRO A 173 28.47 -22.01 20.13
C PRO A 173 28.25 -20.55 19.76
N GLY A 174 27.13 -20.31 19.10
CA GLY A 174 26.76 -18.97 18.69
C GLY A 174 26.22 -18.94 17.29
N GLY A 175 25.13 -18.21 17.06
CA GLY A 175 24.61 -18.04 15.72
C GLY A 175 23.79 -19.22 15.23
N TYR A 176 23.75 -19.38 13.91
CA TYR A 176 23.02 -20.46 13.26
C TYR A 176 24.03 -21.52 12.82
N ASN A 177 23.79 -22.77 13.24
CA ASN A 177 24.72 -23.86 12.95
C ASN A 177 24.83 -24.13 11.46
N ASN A 178 25.98 -24.67 11.08
CA ASN A 178 26.17 -25.17 9.72
C ASN A 178 25.16 -26.27 9.42
N PHE A 179 24.76 -26.38 8.16
CA PHE A 179 23.85 -27.44 7.76
C PHE A 179 24.11 -27.80 6.31
N TYR A 180 23.65 -29.00 5.92
CA TYR A 180 23.83 -29.49 4.55
C TYR A 180 23.22 -28.51 3.56
N TRP A 181 24.03 -28.05 2.61
CA TRP A 181 23.67 -27.01 1.66
C TRP A 181 23.93 -27.52 0.24
N PRO A 182 23.06 -28.37 -0.28
CA PRO A 182 23.31 -28.96 -1.60
C PRO A 182 23.53 -27.87 -2.65
N ASP A 183 24.34 -28.21 -3.65
CA ASP A 183 24.77 -27.24 -4.65
C ASP A 183 23.65 -26.99 -5.65
N ASN A 184 23.30 -25.72 -5.84
CA ASN A 184 22.45 -25.28 -6.95
C ASN A 184 21.05 -25.90 -6.89
N GLU A 185 20.40 -25.78 -5.73
CA GLU A 185 19.10 -26.39 -5.49
C GLU A 185 18.24 -25.44 -4.66
N THR A 186 16.95 -25.78 -4.58
CA THR A 186 16.07 -25.33 -3.52
C THR A 186 15.85 -26.50 -2.56
N PHE A 187 16.10 -26.28 -1.28
CA PHE A 187 16.15 -27.40 -0.34
C PHE A 187 15.67 -26.96 1.02
N THR A 188 15.27 -27.95 1.81
CA THR A 188 14.75 -27.74 3.16
C THR A 188 15.42 -28.73 4.09
N THR A 189 15.93 -28.24 5.22
CA THR A 189 16.56 -29.08 6.21
C THR A 189 16.39 -28.42 7.56
N THR A 190 17.04 -28.99 8.57
CA THR A 190 16.96 -28.49 9.93
C THR A 190 18.19 -27.64 10.20
N VAL A 191 18.01 -26.57 10.98
CA VAL A 191 19.15 -25.71 11.35
C VAL A 191 19.71 -26.25 12.66
N ASN A 192 18.99 -25.98 13.75
CA ASN A 192 19.24 -26.67 15.01
C ASN A 192 18.01 -27.49 15.33
N GLN A 193 18.04 -28.18 16.47
CA GLN A 193 16.83 -28.84 16.90
C GLN A 193 15.76 -27.78 17.08
N ASN A 194 14.60 -28.00 16.46
CA ASN A 194 13.38 -27.22 16.59
C ASN A 194 13.26 -26.15 15.50
N ALA A 195 14.29 -25.90 14.71
CA ALA A 195 14.24 -24.86 13.68
C ALA A 195 14.46 -25.49 12.32
N ASN A 196 13.63 -25.11 11.36
CA ASN A 196 13.77 -25.57 9.99
C ASN A 196 14.12 -24.41 9.07
N VAL A 197 14.76 -24.72 7.95
CA VAL A 197 15.27 -23.71 7.02
C VAL A 197 15.02 -24.17 5.59
N THR A 198 14.61 -23.22 4.74
CA THR A 198 14.40 -23.43 3.31
C THR A 198 15.24 -22.42 2.55
N VAL A 199 16.05 -22.90 1.61
CA VAL A 199 17.00 -22.06 0.90
C VAL A 199 16.80 -22.25 -0.60
N GLN A 200 16.64 -21.15 -1.32
CA GLN A 200 16.63 -21.15 -2.78
C GLN A 200 17.93 -20.53 -3.26
N ASP A 201 18.85 -21.36 -3.73
CA ASP A 201 20.16 -20.94 -4.18
C ASP A 201 20.44 -21.48 -5.57
N LYS A 202 19.43 -21.44 -6.44
CA LYS A 202 19.62 -21.89 -7.82
C LYS A 202 20.43 -20.86 -8.59
N TYR A 203 21.70 -20.66 -8.25
CA TYR A 203 22.60 -19.99 -9.16
C TYR A 203 22.84 -20.92 -10.35
N LYS A 204 23.30 -20.36 -11.46
CA LYS A 204 23.65 -21.21 -12.61
C LYS A 204 22.40 -21.96 -13.09
N VAL A 205 21.38 -21.18 -13.44
CA VAL A 205 20.12 -21.70 -13.97
C VAL A 205 19.63 -20.70 -14.99
N SER A 206 18.79 -21.14 -15.90
CA SER A 206 18.24 -20.24 -16.90
C SER A 206 17.56 -19.07 -16.22
N TYR A 207 17.59 -17.92 -16.88
CA TYR A 207 16.93 -16.75 -16.32
C TYR A 207 15.49 -17.06 -15.94
N ASP A 208 14.77 -17.72 -16.85
CA ASP A 208 13.35 -17.99 -16.60
C ASP A 208 13.15 -18.91 -15.40
N GLU A 209 13.99 -19.95 -15.27
CA GLU A 209 13.87 -20.78 -14.08
C GLU A 209 14.25 -20.01 -12.82
N LYS A 210 15.19 -19.07 -12.93
CA LYS A 210 15.58 -18.30 -11.76
C LYS A 210 14.41 -17.49 -11.22
N VAL A 211 13.84 -16.63 -12.06
CA VAL A 211 12.72 -15.80 -11.61
C VAL A 211 11.60 -16.68 -11.08
N LYS A 212 11.34 -17.81 -11.75
CA LYS A 212 10.26 -18.69 -11.31
C LYS A 212 10.57 -19.32 -9.95
N SER A 213 11.84 -19.58 -9.65
CA SER A 213 12.17 -20.17 -8.36
C SER A 213 12.15 -19.13 -7.24
N ILE A 214 12.58 -17.90 -7.53
CA ILE A 214 12.43 -16.82 -6.55
C ILE A 214 10.97 -16.70 -6.15
N LYS A 215 10.08 -16.61 -7.13
CA LYS A 215 8.66 -16.41 -6.83
C LYS A 215 8.08 -17.61 -6.11
N ASP A 216 8.38 -18.82 -6.59
CA ASP A 216 7.86 -20.01 -5.92
C ASP A 216 8.22 -19.99 -4.44
N THR A 217 9.51 -19.82 -4.13
CA THR A 217 9.92 -19.92 -2.72
C THR A 217 9.38 -18.73 -1.91
N MET A 218 9.26 -17.56 -2.52
CA MET A 218 8.62 -16.47 -1.79
C MET A 218 7.15 -16.78 -1.52
N ASP A 219 6.46 -17.42 -2.48
CA ASP A 219 5.08 -17.83 -2.25
C ASP A 219 4.97 -18.72 -1.03
N GLU A 220 5.88 -19.68 -0.87
CA GLU A 220 5.82 -20.57 0.29
C GLU A 220 6.06 -19.80 1.58
N THR A 221 6.96 -18.81 1.56
CA THR A 221 7.14 -17.92 2.70
C THR A 221 5.88 -17.14 2.98
N MET A 222 5.37 -16.50 1.93
CA MET A 222 4.15 -15.71 2.01
C MET A 222 3.01 -16.50 2.66
N ASN A 223 2.74 -17.70 2.14
CA ASN A 223 1.63 -18.50 2.63
C ASN A 223 1.91 -19.13 3.98
N ASN A 224 3.12 -18.97 4.49
CA ASN A 224 3.51 -19.56 5.77
C ASN A 224 4.00 -18.47 6.72
N SER A 225 3.34 -17.31 6.68
CA SER A 225 3.90 -16.12 7.29
C SER A 225 4.03 -16.21 8.81
N GLU A 226 3.23 -17.05 9.48
CA GLU A 226 3.22 -17.06 10.94
C GLU A 226 4.00 -18.22 11.53
N ASP A 227 4.69 -19.00 10.71
CA ASP A 227 5.59 -20.04 11.18
C ASP A 227 6.89 -19.37 11.65
N LEU A 228 7.00 -19.14 12.97
CA LEU A 228 8.12 -18.37 13.48
C LEU A 228 9.44 -19.13 13.47
N ASN A 229 9.44 -20.45 13.35
CA ASN A 229 10.68 -21.19 13.49
C ASN A 229 11.39 -21.46 12.16
N HIS A 230 10.78 -21.13 11.03
CA HIS A 230 11.25 -21.58 9.73
C HIS A 230 11.99 -20.44 9.05
N LEU A 231 13.28 -20.65 8.76
CA LEU A 231 14.05 -19.68 7.99
C LEU A 231 13.76 -19.86 6.51
N TYR A 232 13.52 -18.76 5.82
CA TYR A 232 13.38 -18.75 4.37
C TYR A 232 14.45 -17.84 3.82
N ILE A 233 15.39 -18.40 3.07
CA ILE A 233 16.50 -17.66 2.50
C ILE A 233 16.40 -17.75 0.99
N ASN A 234 16.37 -16.59 0.33
CA ASN A 234 16.02 -16.48 -1.09
C ASN A 234 17.07 -15.65 -1.81
N PHE A 235 17.91 -16.31 -2.60
CA PHE A 235 18.97 -15.62 -3.34
C PHE A 235 18.41 -15.20 -4.69
N THR A 236 18.26 -13.89 -4.88
CA THR A 236 17.84 -13.38 -6.17
C THR A 236 18.99 -13.28 -7.15
N SER A 237 20.21 -13.58 -6.72
CA SER A 237 21.39 -13.41 -7.55
C SER A 237 21.51 -14.57 -8.54
N LEU A 238 22.23 -14.31 -9.63
CA LEU A 238 22.44 -15.29 -10.69
C LEU A 238 23.88 -15.19 -11.17
N SER A 239 24.52 -16.35 -11.33
CA SER A 239 25.93 -16.40 -11.70
C SER A 239 26.15 -15.93 -13.14
N SER A 240 27.38 -15.52 -13.42
CA SER A 240 27.69 -14.86 -14.68
C SER A 240 27.82 -15.84 -15.83
N GLY A 241 27.48 -15.35 -17.03
CA GLY A 241 27.69 -16.05 -18.26
C GLY A 241 28.89 -15.58 -19.04
N GLY A 242 29.63 -14.60 -18.54
CA GLY A 242 30.87 -14.19 -19.14
C GLY A 242 30.82 -12.95 -20.01
N THR A 243 29.65 -12.33 -20.18
CA THR A 243 29.53 -11.19 -21.07
C THR A 243 28.53 -10.19 -20.51
N ALA A 244 28.51 -9.02 -21.13
CA ALA A 244 27.58 -7.98 -20.72
C ALA A 244 26.13 -8.45 -20.80
N TRP A 245 25.85 -9.38 -21.71
CA TRP A 245 24.50 -9.92 -21.85
C TRP A 245 24.11 -10.92 -20.77
N ASN A 246 25.07 -11.49 -20.01
CA ASN A 246 24.65 -12.36 -18.91
C ASN A 246 25.49 -12.18 -17.64
N SER A 247 26.15 -11.04 -17.46
CA SER A 247 26.85 -10.85 -16.21
C SER A 247 25.83 -10.79 -15.09
N PRO A 248 26.28 -10.88 -13.84
CA PRO A 248 25.36 -10.69 -12.71
C PRO A 248 24.79 -9.30 -12.65
N TYR A 249 25.48 -8.32 -13.24
CA TYR A 249 24.92 -6.97 -13.34
C TYR A 249 23.72 -6.96 -14.28
N TYR A 250 23.89 -7.50 -15.49
CA TYR A 250 22.77 -7.57 -16.43
C TYR A 250 21.56 -8.25 -15.80
N TYR A 251 21.77 -9.43 -15.23
CA TYR A 251 20.68 -10.15 -14.60
C TYR A 251 20.02 -9.33 -13.48
N ALA A 252 20.85 -8.71 -12.64
CA ALA A 252 20.30 -7.99 -11.50
C ALA A 252 19.50 -6.77 -11.95
N SER A 253 19.88 -6.15 -13.07
CA SER A 253 19.16 -4.99 -13.57
C SER A 253 17.73 -5.32 -13.95
N TYR A 254 17.42 -6.60 -14.18
CA TYR A 254 16.06 -7.02 -14.46
C TYR A 254 15.38 -7.73 -13.29
N ILE A 255 16.11 -8.53 -12.53
CA ILE A 255 15.50 -9.34 -11.47
C ILE A 255 15.08 -8.47 -10.29
N ASN A 256 15.91 -7.51 -9.90
CA ASN A 256 15.59 -6.69 -8.74
C ASN A 256 14.24 -5.99 -8.89
N PRO A 257 14.01 -5.21 -9.95
CA PRO A 257 12.68 -4.61 -10.11
C PRO A 257 11.60 -5.63 -10.39
N GLU A 258 11.93 -6.74 -11.07
CA GLU A 258 10.94 -7.78 -11.27
C GLU A 258 10.42 -8.30 -9.95
N ILE A 259 11.33 -8.59 -9.02
CA ILE A 259 10.91 -9.11 -7.71
C ILE A 259 10.33 -8.00 -6.84
N ALA A 260 10.78 -6.75 -7.04
CA ALA A 260 10.18 -5.64 -6.28
C ALA A 260 8.71 -5.47 -6.64
N ASN A 261 8.38 -5.51 -7.93
CA ASN A 261 6.99 -5.45 -8.35
C ASN A 261 6.19 -6.61 -7.78
N TYR A 262 6.76 -7.81 -7.81
CA TYR A 262 6.06 -8.98 -7.30
C TYR A 262 5.62 -8.78 -5.85
N ILE A 263 6.44 -8.10 -5.06
CA ILE A 263 6.12 -7.85 -3.65
C ILE A 263 5.09 -6.74 -3.52
N LYS A 264 5.30 -5.63 -4.23
CA LYS A 264 4.32 -4.54 -4.28
C LYS A 264 2.95 -5.11 -4.64
N GLN A 265 2.90 -5.88 -5.72
CA GLN A 265 1.67 -6.49 -6.20
C GLN A 265 0.98 -7.34 -5.14
N LYS A 266 1.73 -8.18 -4.42
CA LYS A 266 1.12 -9.16 -3.53
C LYS A 266 0.91 -8.66 -2.11
N ASN A 267 1.50 -7.52 -1.75
CA ASN A 267 1.41 -6.93 -0.42
C ASN A 267 1.46 -8.02 0.65
N PRO A 268 2.53 -8.81 0.69
CA PRO A 268 2.57 -9.97 1.57
C PRO A 268 2.97 -9.59 3.00
N ALA A 269 2.59 -10.46 3.93
CA ALA A 269 2.97 -10.25 5.32
C ALA A 269 4.40 -10.70 5.61
N ARG A 270 5.07 -11.35 4.66
CA ARG A 270 6.38 -11.92 4.88
C ARG A 270 6.97 -12.37 3.55
N VAL A 271 8.26 -12.08 3.34
CA VAL A 271 8.93 -12.43 2.09
C VAL A 271 10.26 -13.14 2.30
N GLY A 272 10.70 -13.33 3.55
CA GLY A 272 11.92 -14.06 3.81
C GLY A 272 13.17 -13.20 3.78
N TRP A 273 14.31 -13.88 3.80
CA TRP A 273 15.62 -13.21 3.77
C TRP A 273 16.09 -13.13 2.32
N VAL A 274 15.91 -11.97 1.71
CA VAL A 274 16.13 -11.81 0.27
C VAL A 274 17.54 -11.28 0.08
N ILE A 275 18.39 -12.10 -0.53
CA ILE A 275 19.80 -11.80 -0.77
C ILE A 275 19.96 -11.46 -2.24
N GLN A 276 20.34 -10.22 -2.53
CA GLN A 276 20.34 -9.72 -3.89
C GLN A 276 21.72 -9.23 -4.30
N ASP A 277 21.98 -9.23 -5.60
CA ASP A 277 23.16 -8.57 -6.11
C ASP A 277 22.89 -7.08 -6.30
N TYR A 278 23.98 -6.32 -6.43
CA TYR A 278 23.94 -4.90 -6.75
C TYR A 278 22.82 -4.12 -6.07
N ILE A 279 22.88 -3.97 -4.75
CA ILE A 279 22.02 -3.02 -4.07
C ILE A 279 22.46 -1.61 -4.44
N ASN A 280 21.54 -0.82 -4.96
CA ASN A 280 21.83 0.54 -5.41
C ASN A 280 20.51 1.31 -5.50
N GLU A 281 20.56 2.48 -6.13
CA GLU A 281 19.36 3.30 -6.33
C GLU A 281 18.97 3.44 -7.80
N LYS A 282 19.47 2.56 -8.68
CA LYS A 282 19.28 2.74 -10.12
C LYS A 282 17.94 2.24 -10.61
N TRP A 283 17.42 1.16 -10.04
CA TRP A 283 16.27 0.47 -10.61
C TRP A 283 15.09 0.53 -9.64
N SER A 284 13.95 1.01 -10.14
CA SER A 284 12.76 1.11 -9.32
C SER A 284 11.68 0.16 -9.85
N PRO A 285 10.83 -0.38 -8.97
CA PRO A 285 10.90 -0.15 -7.51
C PRO A 285 12.14 -0.78 -6.88
N LEU A 286 12.50 -0.31 -5.68
CA LEU A 286 13.71 -0.77 -4.98
C LEU A 286 13.39 -2.03 -4.18
N LEU A 287 14.05 -3.14 -4.52
CA LEU A 287 13.74 -4.43 -3.91
C LEU A 287 13.89 -4.38 -2.39
N TYR A 288 15.04 -3.93 -1.89
CA TYR A 288 15.26 -3.93 -0.45
C TYR A 288 14.20 -3.10 0.26
N GLN A 289 13.84 -1.96 -0.30
CA GLN A 289 12.75 -1.17 0.25
C GLN A 289 11.46 -1.98 0.35
N GLU A 290 11.10 -2.72 -0.70
CA GLU A 290 9.87 -3.48 -0.63
C GLU A 290 9.99 -4.64 0.34
N VAL A 291 11.19 -5.20 0.50
CA VAL A 291 11.37 -6.26 1.49
C VAL A 291 11.20 -5.71 2.89
N ILE A 292 11.79 -4.54 3.16
CA ILE A 292 11.69 -3.93 4.49
C ILE A 292 10.25 -3.57 4.82
N ARG A 293 9.52 -2.99 3.86
CA ARG A 293 8.15 -2.59 4.15
C ARG A 293 7.25 -3.78 4.44
N ALA A 294 7.61 -4.97 3.96
CA ALA A 294 6.83 -6.18 4.18
C ALA A 294 6.78 -6.55 5.66
N ASN A 295 7.49 -5.81 6.50
CA ASN A 295 7.43 -6.01 7.94
C ASN A 295 6.35 -5.15 8.60
N LYS A 296 5.57 -4.41 7.81
CA LYS A 296 4.56 -3.51 8.38
C LYS A 296 3.65 -4.25 9.36
N SER A 297 3.29 -5.49 9.04
CA SER A 297 2.38 -6.26 9.88
C SER A 297 2.96 -6.61 11.24
N LEU A 298 4.25 -6.40 11.47
CA LEU A 298 4.89 -6.75 12.73
C LEU A 298 4.80 -5.65 13.78
N ILE A 299 4.28 -4.47 13.44
CA ILE A 299 4.35 -3.33 14.33
C ILE A 299 3.03 -3.07 15.03
N THR B 4 -10.09 42.07 16.00
CA THR B 4 -10.22 42.75 14.72
C THR B 4 -9.60 41.91 13.58
N SER B 5 -10.43 41.05 13.00
CA SER B 5 -10.06 40.24 11.83
C SER B 5 -11.26 40.16 10.91
N SER B 6 -11.00 40.11 9.59
CA SER B 6 -12.06 40.14 8.61
C SER B 6 -11.72 39.27 7.41
N VAL B 7 -12.77 38.81 6.72
CA VAL B 7 -12.60 38.05 5.47
C VAL B 7 -11.93 38.89 4.40
N ASN B 8 -11.98 40.22 4.52
CA ASN B 8 -11.28 41.07 3.58
C ASN B 8 -9.81 40.70 3.48
N GLU B 9 -9.19 40.41 4.63
CA GLU B 9 -7.76 40.16 4.66
C GLU B 9 -7.38 38.90 3.92
N LEU B 10 -8.30 37.96 3.77
CA LEU B 10 -8.03 36.78 2.95
C LEU B 10 -7.78 37.11 1.49
N GLU B 11 -8.14 38.31 1.04
CA GLU B 11 -7.97 38.66 -0.37
C GLU B 11 -6.56 39.15 -0.68
N ASN B 12 -5.75 39.39 0.35
CA ASN B 12 -4.38 39.84 0.17
C ASN B 12 -3.51 38.59 0.16
N TRP B 13 -3.22 38.08 -1.04
CA TRP B 13 -2.45 36.85 -1.17
C TRP B 13 -1.07 36.94 -0.52
N SER B 14 -0.59 38.14 -0.20
CA SER B 14 0.69 38.30 0.46
C SER B 14 0.60 38.18 1.98
N LYS B 15 -0.60 38.29 2.55
CA LYS B 15 -0.74 38.25 3.99
C LYS B 15 -1.93 37.41 4.43
N TRP B 16 -2.38 36.46 3.61
CA TRP B 16 -3.71 35.88 3.82
C TRP B 16 -3.80 35.03 5.08
N MET B 17 -2.67 34.67 5.70
CA MET B 17 -2.70 33.98 6.98
C MET B 17 -2.86 34.91 8.16
N GLN B 18 -2.70 36.22 7.94
CA GLN B 18 -2.81 37.17 9.04
C GLN B 18 -4.12 37.06 9.79
N PRO B 19 -5.28 37.05 9.14
CA PRO B 19 -6.56 37.03 9.88
C PRO B 19 -6.88 35.69 10.51
N ILE B 20 -6.15 34.63 10.22
CA ILE B 20 -6.48 33.32 10.77
C ILE B 20 -6.01 33.25 12.21
N PRO B 21 -6.85 32.77 13.12
CA PRO B 21 -6.46 32.74 14.54
C PRO B 21 -5.18 31.96 14.76
N ASP B 22 -4.38 32.43 15.72
CA ASP B 22 -3.07 31.82 15.97
C ASP B 22 -3.18 30.39 16.46
N SER B 23 -4.33 30.00 16.99
CA SER B 23 -4.47 28.67 17.58
C SER B 23 -4.82 27.60 16.56
N ILE B 24 -5.16 27.97 15.33
CA ILE B 24 -5.58 26.94 14.37
C ILE B 24 -4.36 26.13 13.93
N PRO B 25 -4.43 24.81 13.95
CA PRO B 25 -3.31 24.01 13.44
C PRO B 25 -3.16 24.20 11.94
N LEU B 26 -1.91 24.18 11.48
CA LEU B 26 -1.67 24.35 10.05
C LEU B 26 -2.44 23.30 9.25
N ALA B 27 -2.58 22.10 9.79
CA ALA B 27 -3.27 21.05 9.06
C ALA B 27 -4.72 21.41 8.78
N ARG B 28 -5.36 22.13 9.70
CA ARG B 28 -6.75 22.53 9.46
C ARG B 28 -6.85 23.52 8.31
N ILE B 29 -5.90 24.46 8.23
CA ILE B 29 -5.95 25.51 7.22
C ILE B 29 -5.89 24.90 5.83
N SER B 30 -6.69 25.45 4.93
CA SER B 30 -6.58 25.09 3.51
C SER B 30 -5.45 25.92 2.92
N ILE B 31 -4.45 25.25 2.34
CA ILE B 31 -3.24 25.96 1.96
C ILE B 31 -2.88 25.67 0.50
N PRO B 32 -2.56 26.68 -0.29
CA PRO B 32 -2.09 26.44 -1.66
C PRO B 32 -0.60 26.15 -1.65
N GLY B 33 -0.20 25.25 -2.55
CA GLY B 33 1.20 24.93 -2.71
C GLY B 33 1.56 24.82 -4.17
N THR B 34 2.85 24.72 -4.42
CA THR B 34 3.37 24.54 -5.76
C THR B 34 4.07 23.19 -5.81
N HIS B 35 3.84 22.45 -6.89
CA HIS B 35 4.45 21.15 -7.11
C HIS B 35 5.71 21.33 -7.96
N ASP B 36 6.80 20.68 -7.55
CA ASP B 36 8.09 20.83 -8.21
C ASP B 36 8.47 22.32 -8.33
N SER B 37 8.50 22.98 -7.17
CA SER B 37 8.48 24.44 -7.13
C SER B 37 9.61 25.09 -7.90
N GLY B 38 10.78 24.44 -7.99
CA GLY B 38 11.95 25.13 -8.49
C GLY B 38 12.28 24.95 -9.97
N THR B 39 11.33 24.51 -10.78
CA THR B 39 11.56 24.21 -12.19
C THR B 39 11.37 25.40 -13.11
N PHE B 40 11.36 26.62 -12.58
CA PHE B 40 10.95 27.80 -13.34
C PHE B 40 12.06 28.45 -14.16
N LYS B 41 13.29 27.93 -14.12
CA LYS B 41 14.37 28.47 -14.95
C LYS B 41 14.62 27.67 -16.21
N LEU B 42 13.94 26.55 -16.40
CA LEU B 42 14.19 25.72 -17.57
C LEU B 42 13.83 26.45 -18.85
N GLN B 43 14.66 26.25 -19.87
CA GLN B 43 14.50 26.86 -21.19
C GLN B 43 14.49 25.84 -22.32
N ASN B 44 15.36 24.84 -22.26
CA ASN B 44 15.40 23.82 -23.29
C ASN B 44 14.03 23.18 -23.49
N PRO B 45 13.54 23.08 -24.73
CA PRO B 45 12.15 22.63 -24.94
C PRO B 45 11.89 21.18 -24.53
N ILE B 46 12.86 20.29 -24.74
CA ILE B 46 12.68 18.90 -24.34
C ILE B 46 12.60 18.79 -22.82
N LYS B 47 13.41 19.57 -22.11
CA LYS B 47 13.32 19.61 -20.66
C LYS B 47 11.97 20.18 -20.21
N GLN B 48 11.44 21.16 -20.95
CA GLN B 48 10.21 21.81 -20.51
C GLN B 48 9.02 20.86 -20.57
N VAL B 49 8.80 20.21 -21.72
CA VAL B 49 7.59 19.39 -21.88
C VAL B 49 7.57 18.23 -20.92
N TRP B 50 8.74 17.77 -20.47
CA TRP B 50 8.78 16.63 -19.57
C TRP B 50 8.79 17.04 -18.10
N GLY B 51 9.45 18.15 -17.76
CA GLY B 51 9.76 18.42 -16.37
C GLY B 51 9.38 19.78 -15.82
N MET B 52 9.08 20.75 -16.68
CA MET B 52 8.75 22.09 -16.18
C MET B 52 7.33 22.11 -15.61
N THR B 53 7.19 22.70 -14.41
CA THR B 53 5.90 22.78 -13.73
C THR B 53 5.52 24.17 -13.24
N GLN B 54 6.40 25.15 -13.33
CA GLN B 54 6.12 26.52 -12.89
C GLN B 54 6.84 27.47 -13.82
N GLU B 55 6.24 28.64 -14.05
CA GLU B 55 6.88 29.63 -14.91
C GLU B 55 7.35 30.89 -14.19
N TYR B 56 7.05 31.04 -12.90
CA TYR B 56 7.48 32.21 -12.15
C TYR B 56 8.29 31.77 -10.93
N ASP B 57 9.09 32.70 -10.40
CA ASP B 57 10.04 32.33 -9.35
C ASP B 57 9.34 32.21 -7.99
N PHE B 58 10.14 31.91 -6.96
CA PHE B 58 9.56 31.62 -5.65
C PHE B 58 8.77 32.81 -5.10
N ARG B 59 9.33 34.02 -5.22
CA ARG B 59 8.62 35.18 -4.68
C ARG B 59 7.30 35.42 -5.39
N TYR B 60 7.27 35.27 -6.72
CA TYR B 60 5.99 35.34 -7.42
C TYR B 60 5.02 34.34 -6.82
N GLN B 61 5.46 33.08 -6.66
CA GLN B 61 4.60 32.05 -6.12
C GLN B 61 4.06 32.45 -4.75
N MET B 62 4.97 32.85 -3.85
CA MET B 62 4.51 33.24 -2.52
C MET B 62 3.57 34.43 -2.60
N ASP B 63 3.88 35.41 -3.45
CA ASP B 63 3.04 36.59 -3.58
C ASP B 63 1.69 36.28 -4.20
N HIS B 64 1.50 35.06 -4.71
CA HIS B 64 0.20 34.59 -5.16
C HIS B 64 -0.41 33.58 -4.21
N GLY B 65 0.03 33.57 -2.96
CA GLY B 65 -0.66 32.85 -1.91
C GLY B 65 -0.12 31.47 -1.61
N ALA B 66 0.80 30.96 -2.41
CA ALA B 66 1.37 29.65 -2.14
C ALA B 66 2.18 29.72 -0.85
N ARG B 67 1.93 28.78 0.06
CA ARG B 67 2.69 28.69 1.30
C ARG B 67 3.40 27.35 1.44
N ILE B 68 3.07 26.36 0.63
CA ILE B 68 3.74 25.06 0.63
C ILE B 68 4.61 24.97 -0.62
N PHE B 69 5.84 24.53 -0.46
CA PHE B 69 6.76 24.45 -1.57
C PHE B 69 7.39 23.07 -1.61
N ASP B 70 7.35 22.47 -2.78
CA ASP B 70 7.74 21.08 -3.03
C ASP B 70 9.17 21.08 -3.52
N ILE B 71 10.11 21.03 -2.58
CA ILE B 71 11.52 21.20 -2.90
C ILE B 71 12.14 19.82 -3.07
N ARG B 72 12.72 19.58 -4.24
CA ARG B 72 13.38 18.32 -4.57
C ARG B 72 14.87 18.56 -4.70
N GLY B 73 15.66 17.95 -3.82
CA GLY B 73 17.07 18.24 -3.76
C GLY B 73 17.97 17.08 -4.14
N ARG B 74 19.21 17.41 -4.49
CA ARG B 74 20.27 16.44 -4.71
C ARG B 74 21.52 16.94 -4.02
N LEU B 75 22.24 16.03 -3.38
CA LEU B 75 23.48 16.34 -2.69
C LEU B 75 24.63 16.31 -3.70
N THR B 76 25.37 17.42 -3.80
CA THR B 76 26.44 17.57 -4.77
C THR B 76 27.78 17.17 -4.16
N ASP B 77 28.83 17.16 -4.99
CA ASP B 77 30.15 16.75 -4.53
C ASP B 77 30.85 17.82 -3.71
N ASP B 78 30.41 19.07 -3.76
CA ASP B 78 30.91 20.10 -2.86
C ASP B 78 29.99 20.30 -1.66
N ASN B 79 29.19 19.28 -1.33
CA ASN B 79 28.45 19.20 -0.07
C ASN B 79 27.39 20.29 0.05
N THR B 80 26.78 20.63 -1.08
CA THR B 80 25.62 21.51 -1.11
C THR B 80 24.44 20.74 -1.68
N ILE B 81 23.24 21.25 -1.46
CA ILE B 81 22.02 20.63 -1.97
C ILE B 81 21.43 21.52 -3.04
N VAL B 82 21.34 21.00 -4.25
CA VAL B 82 20.78 21.74 -5.38
C VAL B 82 19.46 21.09 -5.75
N LEU B 83 18.68 21.81 -6.56
CA LEU B 83 17.34 21.36 -6.89
C LEU B 83 17.33 20.57 -8.19
N HIS B 84 16.51 19.51 -8.23
CA HIS B 84 16.39 18.61 -9.35
C HIS B 84 14.92 18.29 -9.63
N ALA B 85 14.65 17.89 -10.87
CA ALA B 85 13.39 17.26 -11.27
C ALA B 85 13.80 16.00 -12.00
N GLY B 86 13.64 14.86 -11.34
CA GLY B 86 14.21 13.63 -11.84
C GLY B 86 15.71 13.82 -12.00
N PRO B 87 16.23 13.57 -13.21
CA PRO B 87 17.66 13.75 -13.46
C PRO B 87 18.07 15.12 -13.99
N LEU B 88 17.15 16.08 -14.06
CA LEU B 88 17.44 17.40 -14.60
C LEU B 88 17.95 18.33 -13.50
N TYR B 89 19.13 18.90 -13.72
CA TYR B 89 19.58 20.03 -12.92
C TYR B 89 18.71 21.24 -13.23
N LEU B 90 18.33 21.99 -12.18
CA LEU B 90 17.37 23.08 -12.33
C LEU B 90 17.99 24.47 -12.22
N TYR B 91 19.29 24.57 -11.94
CA TYR B 91 19.94 25.87 -11.84
C TYR B 91 19.37 26.69 -10.68
N VAL B 92 18.90 25.98 -9.66
CA VAL B 92 18.39 26.57 -8.44
C VAL B 92 19.01 25.81 -7.27
N THR B 93 19.41 26.53 -6.23
CA THR B 93 20.02 25.89 -5.08
C THR B 93 19.06 25.98 -3.89
N LEU B 94 19.33 25.14 -2.89
CA LEU B 94 18.50 25.15 -1.69
C LEU B 94 18.66 26.47 -0.93
N HIS B 95 19.88 26.99 -0.82
CA HIS B 95 20.06 28.29 -0.19
C HIS B 95 19.22 29.35 -0.90
N GLU B 96 19.24 29.33 -2.23
CA GLU B 96 18.46 30.28 -3.01
C GLU B 96 17.00 30.28 -2.58
N PHE B 97 16.41 29.09 -2.43
CA PHE B 97 15.01 29.04 -2.01
C PHE B 97 14.84 29.56 -0.60
N ILE B 98 15.67 29.08 0.32
CA ILE B 98 15.56 29.50 1.72
C ILE B 98 15.75 31.01 1.82
N ASN B 99 16.65 31.58 1.01
CA ASN B 99 16.85 33.03 1.08
C ASN B 99 15.62 33.79 0.56
N GLU B 100 14.95 33.26 -0.45
CA GLU B 100 13.69 33.87 -0.90
C GLU B 100 12.62 33.72 0.18
N ALA B 101 12.59 32.58 0.86
CA ALA B 101 11.66 32.42 1.97
C ALA B 101 11.96 33.42 3.08
N LYS B 102 13.24 33.60 3.41
CA LYS B 102 13.61 34.55 4.44
C LYS B 102 13.11 35.94 4.11
N GLN B 103 13.41 36.42 2.90
CA GLN B 103 12.93 37.75 2.53
C GLN B 103 11.42 37.85 2.60
N PHE B 104 10.70 36.83 2.12
CA PHE B 104 9.24 36.90 2.15
C PHE B 104 8.73 36.97 3.59
N LEU B 105 9.31 36.16 4.48
CA LEU B 105 8.83 36.17 5.85
C LEU B 105 9.11 37.51 6.54
N LYS B 106 10.21 38.19 6.18
CA LYS B 106 10.47 39.52 6.72
C LYS B 106 9.46 40.55 6.24
N ASP B 107 9.09 40.50 4.95
CA ASP B 107 8.14 41.46 4.41
C ASP B 107 6.71 41.20 4.90
N ASN B 108 6.37 39.94 5.16
CA ASN B 108 5.02 39.55 5.56
C ASN B 108 5.13 38.63 6.77
N PRO B 109 5.48 39.19 7.95
CA PRO B 109 5.77 38.32 9.10
C PRO B 109 4.54 37.62 9.65
N SER B 110 3.34 37.92 9.15
CA SER B 110 2.15 37.20 9.58
C SER B 110 2.08 35.80 8.98
N GLU B 111 2.90 35.50 7.99
CA GLU B 111 2.80 34.27 7.23
C GLU B 111 3.80 33.24 7.74
N THR B 112 3.63 32.02 7.26
CA THR B 112 4.61 30.96 7.47
C THR B 112 4.86 30.29 6.13
N ILE B 113 6.01 29.64 6.00
CA ILE B 113 6.39 28.91 4.81
C ILE B 113 6.60 27.45 5.17
N ILE B 114 5.91 26.56 4.46
CA ILE B 114 6.03 25.12 4.62
C ILE B 114 6.89 24.57 3.49
N MET B 115 7.99 23.91 3.84
CA MET B 115 8.94 23.40 2.85
C MET B 115 8.96 21.88 2.89
N SER B 116 8.45 21.25 1.86
CA SER B 116 8.59 19.81 1.68
C SER B 116 9.94 19.55 1.02
N LEU B 117 10.78 18.75 1.68
CA LEU B 117 12.10 18.43 1.17
C LEU B 117 12.17 16.94 0.89
N LYS B 118 12.61 16.59 -0.31
CA LYS B 118 12.75 15.21 -0.73
C LYS B 118 14.10 15.05 -1.42
N LYS B 119 14.72 13.89 -1.22
CA LYS B 119 15.92 13.52 -1.95
C LYS B 119 15.49 13.00 -3.31
N GLU B 120 15.68 13.81 -4.34
CA GLU B 120 15.11 13.55 -5.67
C GLU B 120 15.98 12.66 -6.53
N TYR B 121 17.28 12.56 -6.26
CA TYR B 121 18.19 11.77 -7.07
C TYR B 121 19.38 11.35 -6.22
N GLU B 122 20.05 10.27 -6.65
CA GLU B 122 21.17 9.73 -5.90
C GLU B 122 22.24 10.79 -5.63
N ASP B 123 22.87 10.70 -4.46
CA ASP B 123 23.99 11.58 -4.14
C ASP B 123 25.08 11.50 -5.22
N MET B 124 25.79 12.61 -5.39
CA MET B 124 27.03 12.56 -6.16
C MET B 124 28.10 11.81 -5.37
N LYS B 125 28.98 11.12 -6.09
CA LYS B 125 29.95 10.24 -5.44
C LYS B 125 30.91 11.00 -4.54
N GLY B 126 31.29 12.21 -4.92
CA GLY B 126 32.29 12.92 -4.15
C GLY B 126 31.86 13.46 -2.81
N ALA B 127 30.60 13.27 -2.42
CA ALA B 127 30.09 13.89 -1.21
C ALA B 127 30.69 13.22 0.02
N GLU B 128 30.86 14.01 1.09
CA GLU B 128 31.50 13.51 2.30
C GLU B 128 30.50 13.00 3.32
N ASP B 129 29.24 13.38 3.21
CA ASP B 129 28.22 13.03 4.18
C ASP B 129 26.96 12.57 3.45
N SER B 130 25.93 12.22 4.23
CA SER B 130 24.66 11.80 3.67
C SER B 130 23.75 13.02 3.44
N PHE B 131 22.73 12.79 2.61
CA PHE B 131 21.75 13.83 2.32
C PHE B 131 21.12 14.38 3.59
N SER B 132 20.55 13.49 4.41
CA SER B 132 19.87 13.95 5.62
C SER B 132 20.84 14.66 6.57
N SER B 133 22.05 14.12 6.73
CA SER B 133 23.01 14.74 7.64
C SER B 133 23.47 16.10 7.13
N THR B 134 23.83 16.18 5.85
CA THR B 134 24.26 17.46 5.28
C THR B 134 23.19 18.53 5.49
N PHE B 135 21.96 18.20 5.11
CA PHE B 135 20.88 19.17 5.22
C PHE B 135 20.69 19.66 6.64
N GLU B 136 20.73 18.74 7.61
CA GLU B 136 20.42 19.14 8.97
C GLU B 136 21.55 19.93 9.60
N LYS B 137 22.79 19.60 9.25
CA LYS B 137 23.94 20.30 9.83
C LYS B 137 24.24 21.62 9.13
N LYS B 138 24.02 21.71 7.82
CA LYS B 138 24.39 22.89 7.06
C LYS B 138 23.21 23.78 6.66
N TYR B 139 21.98 23.30 6.80
CA TYR B 139 20.82 24.09 6.43
C TYR B 139 19.82 24.19 7.58
N PHE B 140 19.49 23.06 8.20
CA PHE B 140 18.34 23.05 9.11
C PHE B 140 18.64 23.76 10.42
N VAL B 141 19.88 23.69 10.93
CA VAL B 141 20.19 24.27 12.23
C VAL B 141 19.92 25.75 12.25
N ASP B 142 19.79 26.37 11.08
CA ASP B 142 19.39 27.75 10.97
C ASP B 142 18.15 28.01 11.82
N PRO B 143 18.12 29.10 12.60
CA PRO B 143 16.95 29.37 13.46
C PRO B 143 15.68 29.71 12.70
N ILE B 144 15.76 29.94 11.39
CA ILE B 144 14.56 30.27 10.64
C ILE B 144 13.60 29.08 10.60
N PHE B 145 14.13 27.86 10.73
CA PHE B 145 13.30 26.66 10.75
C PHE B 145 12.75 26.41 12.15
N LEU B 146 11.42 26.34 12.25
CA LEU B 146 10.77 25.97 13.51
C LEU B 146 11.20 24.57 13.91
N LYS B 147 11.56 24.41 15.20
CA LYS B 147 12.11 23.16 15.70
C LYS B 147 11.15 22.34 16.55
N THR B 148 9.96 22.84 16.85
CA THR B 148 9.00 22.11 17.66
C THR B 148 8.16 21.19 16.76
N GLU B 149 7.37 20.32 17.40
CA GLU B 149 6.64 19.31 16.65
C GLU B 149 5.16 19.24 17.05
N GLY B 150 4.57 18.04 17.05
CA GLY B 150 3.18 17.92 17.41
C GLY B 150 2.26 18.42 16.30
N ASN B 151 1.08 18.89 16.71
CA ASN B 151 0.12 19.47 15.77
C ASN B 151 0.42 20.97 15.72
N ILE B 152 1.33 21.35 14.83
CA ILE B 152 1.89 22.69 14.82
C ILE B 152 0.80 23.74 14.62
N LYS B 153 0.79 24.75 15.47
CA LYS B 153 -0.17 25.84 15.38
C LYS B 153 0.38 26.99 14.56
N LEU B 154 -0.53 27.68 13.84
CA LEU B 154 -0.12 28.82 13.04
C LEU B 154 0.66 29.83 13.86
N GLY B 155 0.23 30.08 15.10
CA GLY B 155 0.90 31.06 15.93
C GLY B 155 2.39 30.78 16.10
N ASP B 156 2.76 29.51 16.25
CA ASP B 156 4.18 29.19 16.40
C ASP B 156 4.93 29.28 15.09
N ALA B 157 4.24 29.13 13.96
CA ALA B 157 4.92 29.05 12.67
C ALA B 157 5.13 30.39 12.00
N ARG B 158 4.39 31.42 12.39
CA ARG B 158 4.54 32.74 11.77
C ARG B 158 5.99 33.17 11.78
N GLY B 159 6.46 33.65 10.64
CA GLY B 159 7.83 34.10 10.49
C GLY B 159 8.87 33.01 10.45
N LYS B 160 8.47 31.75 10.44
CA LYS B 160 9.38 30.61 10.40
C LYS B 160 9.11 29.78 9.15
N ILE B 161 10.04 28.88 8.86
CA ILE B 161 9.85 27.84 7.86
C ILE B 161 9.53 26.55 8.59
N VAL B 162 8.44 25.90 8.20
CA VAL B 162 8.01 24.63 8.78
C VAL B 162 8.39 23.52 7.83
N LEU B 163 9.22 22.59 8.29
CA LEU B 163 9.76 21.54 7.44
C LEU B 163 8.78 20.38 7.37
N LEU B 164 8.56 19.87 6.17
CA LEU B 164 7.80 18.65 5.95
C LEU B 164 8.77 17.62 5.38
N LYS B 165 9.18 16.68 6.22
CA LYS B 165 10.21 15.74 5.83
C LYS B 165 9.65 14.70 4.87
N ARG B 166 10.18 14.67 3.65
CA ARG B 166 10.00 13.54 2.75
C ARG B 166 11.31 12.78 2.54
N TYR B 167 12.15 12.74 3.56
CA TYR B 167 13.41 12.01 3.51
C TYR B 167 13.58 11.21 4.80
N SER B 168 14.27 10.07 4.68
CA SER B 168 14.55 9.27 5.85
C SER B 168 15.81 9.76 6.56
N GLY B 169 15.97 9.33 7.80
CA GLY B 169 17.23 9.48 8.50
C GLY B 169 17.31 10.65 9.44
N SER B 170 16.24 11.43 9.59
CA SER B 170 16.30 12.64 10.39
C SER B 170 16.82 12.35 11.80
N ASN B 171 17.66 13.25 12.30
CA ASN B 171 18.14 13.19 13.67
C ASN B 171 17.84 14.47 14.44
N GLU B 172 17.19 15.46 13.84
CA GLU B 172 16.92 16.73 14.48
C GLU B 172 15.42 16.99 14.56
N PRO B 173 14.89 17.29 15.74
CA PRO B 173 13.45 17.55 15.84
C PRO B 173 13.06 18.84 15.14
N GLY B 174 11.80 18.88 14.69
CA GLY B 174 11.28 20.04 13.99
C GLY B 174 10.45 19.66 12.78
N GLY B 175 9.29 20.29 12.63
CA GLY B 175 8.44 20.05 11.47
C GLY B 175 7.62 18.79 11.59
N TYR B 176 7.27 18.23 10.44
CA TYR B 176 6.48 17.00 10.33
C TYR B 176 7.38 15.83 9.98
N ASN B 177 7.28 14.74 10.75
CA ASN B 177 8.14 13.60 10.53
C ASN B 177 7.91 12.98 9.16
N ASN B 178 8.98 12.36 8.64
CA ASN B 178 8.86 11.52 7.45
C ASN B 178 7.86 10.41 7.71
N PHE B 179 7.18 9.96 6.65
CA PHE B 179 6.24 8.86 6.79
C PHE B 179 6.15 8.09 5.49
N TYR B 180 5.57 6.89 5.59
CA TYR B 180 5.43 6.02 4.43
C TYR B 180 4.71 6.76 3.30
N TRP B 181 5.33 6.81 2.13
CA TRP B 181 4.79 7.54 0.99
C TRP B 181 4.77 6.63 -0.23
N PRO B 182 3.82 5.71 -0.29
CA PRO B 182 3.78 4.76 -1.41
C PRO B 182 3.71 5.48 -2.75
N ASP B 183 4.27 4.83 -3.76
CA ASP B 183 4.38 5.45 -5.07
C ASP B 183 3.04 5.41 -5.80
N ASN B 184 2.59 6.58 -6.26
CA ASN B 184 1.48 6.70 -7.22
C ASN B 184 0.17 6.18 -6.65
N GLU B 185 -0.19 6.63 -5.44
CA GLU B 185 -1.35 6.12 -4.75
C GLU B 185 -2.05 7.25 -4.02
N THR B 186 -3.27 6.96 -3.58
CA THR B 186 -3.92 7.71 -2.52
C THR B 186 -3.90 6.86 -1.26
N PHE B 187 -3.36 7.41 -0.17
CA PHE B 187 -3.04 6.60 0.99
C PHE B 187 -3.20 7.39 2.27
N THR B 188 -3.36 6.67 3.37
CA THR B 188 -3.53 7.25 4.69
C THR B 188 -2.59 6.53 5.65
N THR B 189 -1.83 7.28 6.43
CA THR B 189 -0.94 6.70 7.41
C THR B 189 -0.75 7.72 8.53
N THR B 190 0.14 7.41 9.47
CA THR B 190 0.36 8.26 10.63
C THR B 190 1.58 9.15 10.41
N VAL B 191 1.50 10.38 10.92
CA VAL B 191 2.63 11.31 10.86
C VAL B 191 3.44 11.14 12.13
N ASN B 192 2.94 11.67 13.23
CA ASN B 192 3.47 11.35 14.55
C ASN B 192 2.39 10.63 15.33
N GLN B 193 2.70 10.27 16.58
CA GLN B 193 1.66 9.77 17.44
C GLN B 193 0.64 10.87 17.61
N ASN B 194 -0.64 10.56 17.37
CA ASN B 194 -1.79 11.43 17.55
C ASN B 194 -2.19 12.14 16.25
N ALA B 195 -1.38 12.13 15.20
CA ALA B 195 -1.71 12.79 13.95
C ALA B 195 -1.65 11.84 12.77
N ASN B 196 -2.68 11.89 11.92
CA ASN B 196 -2.75 11.08 10.71
C ASN B 196 -2.72 11.99 9.47
N VAL B 197 -2.39 11.39 8.32
CA VAL B 197 -2.25 12.13 7.07
C VAL B 197 -2.84 11.31 5.92
N THR B 198 -3.54 11.98 5.02
CA THR B 198 -4.05 11.38 3.79
C THR B 198 -3.50 12.17 2.62
N VAL B 199 -2.91 11.47 1.67
CA VAL B 199 -2.22 12.09 0.54
C VAL B 199 -2.81 11.49 -0.73
N GLN B 200 -3.16 12.35 -1.67
CA GLN B 200 -3.54 11.92 -3.02
C GLN B 200 -2.41 12.35 -3.94
N ASP B 201 -1.60 11.38 -4.36
CA ASP B 201 -0.42 11.63 -5.18
C ASP B 201 -0.43 10.73 -6.40
N LYS B 202 -1.60 10.58 -7.04
CA LYS B 202 -1.73 9.80 -8.25
C LYS B 202 -1.18 10.56 -9.46
N TYR B 203 0.13 10.80 -9.45
CA TYR B 203 0.77 11.16 -10.69
C TYR B 203 0.77 9.94 -11.60
N LYS B 204 0.93 10.17 -12.90
CA LYS B 204 1.04 9.03 -13.84
C LYS B 204 -0.22 8.17 -13.81
N VAL B 205 -1.36 8.82 -14.07
CA VAL B 205 -2.65 8.15 -14.15
C VAL B 205 -3.46 8.88 -15.21
N SER B 206 -4.45 8.21 -15.75
CA SER B 206 -5.26 8.83 -16.78
C SER B 206 -5.84 10.15 -16.30
N TYR B 207 -6.04 11.08 -17.24
CA TYR B 207 -6.63 12.37 -16.91
C TYR B 207 -7.93 12.20 -16.12
N ASP B 208 -8.81 11.30 -16.59
CA ASP B 208 -10.09 11.14 -15.93
C ASP B 208 -9.94 10.61 -14.51
N GLU B 209 -9.08 9.60 -14.31
CA GLU B 209 -8.87 9.13 -12.94
C GLU B 209 -8.24 10.21 -12.08
N LYS B 210 -7.42 11.08 -12.67
CA LYS B 210 -6.79 12.15 -11.91
C LYS B 210 -7.83 13.10 -11.34
N VAL B 211 -8.64 13.71 -12.21
CA VAL B 211 -9.63 14.66 -11.74
C VAL B 211 -10.57 14.00 -10.74
N LYS B 212 -10.99 12.77 -11.03
CA LYS B 212 -11.89 12.07 -10.11
C LYS B 212 -11.21 11.80 -8.77
N SER B 213 -9.89 11.61 -8.76
CA SER B 213 -9.20 11.32 -7.51
C SER B 213 -8.98 12.58 -6.68
N ILE B 214 -8.70 13.70 -7.33
CA ILE B 214 -8.66 14.98 -6.60
C ILE B 214 -9.99 15.22 -5.92
N LYS B 215 -11.09 15.10 -6.68
CA LYS B 215 -12.40 15.40 -6.12
C LYS B 215 -12.75 14.46 -4.98
N ASP B 216 -12.50 13.16 -5.15
CA ASP B 216 -12.76 12.22 -4.07
C ASP B 216 -12.04 12.65 -2.79
N THR B 217 -10.74 12.91 -2.89
CA THR B 217 -9.97 13.25 -1.71
C THR B 217 -10.38 14.59 -1.14
N MET B 218 -10.71 15.54 -2.00
CA MET B 218 -11.22 16.81 -1.50
C MET B 218 -12.58 16.62 -0.81
N ASP B 219 -13.41 15.71 -1.32
CA ASP B 219 -14.68 15.41 -0.65
C ASP B 219 -14.47 14.94 0.78
N GLU B 220 -13.53 13.99 0.96
CA GLU B 220 -13.29 13.45 2.29
C GLU B 220 -12.78 14.53 3.23
N THR B 221 -11.97 15.46 2.71
CA THR B 221 -11.56 16.63 3.46
C THR B 221 -12.76 17.50 3.82
N MET B 222 -13.57 17.81 2.82
CA MET B 222 -14.78 18.60 3.00
C MET B 222 -15.64 18.04 4.14
N ASN B 223 -15.95 16.75 4.06
CA ASN B 223 -16.83 16.06 4.99
C ASN B 223 -16.19 15.78 6.34
N ASN B 224 -14.91 16.10 6.52
CA ASN B 224 -14.21 15.90 7.78
C ASN B 224 -13.59 17.21 8.23
N SER B 225 -14.32 18.30 8.04
CA SER B 225 -13.74 19.64 8.13
C SER B 225 -13.23 19.99 9.52
N GLU B 226 -13.77 19.37 10.58
CA GLU B 226 -13.41 19.77 11.93
C GLU B 226 -12.44 18.80 12.61
N ASP B 227 -11.93 17.81 11.88
CA ASP B 227 -10.87 16.93 12.37
C ASP B 227 -9.56 17.69 12.26
N LEU B 228 -9.13 18.28 13.38
CA LEU B 228 -8.01 19.20 13.40
C LEU B 228 -6.65 18.51 13.29
N ASN B 229 -6.57 17.21 13.57
CA ASN B 229 -5.29 16.54 13.65
C ASN B 229 -4.85 15.89 12.35
N HIS B 230 -5.73 15.84 11.35
CA HIS B 230 -5.55 15.01 10.17
C HIS B 230 -5.09 15.87 9.00
N LEU B 231 -3.92 15.54 8.44
CA LEU B 231 -3.40 16.21 7.25
C LEU B 231 -4.04 15.68 5.98
N TYR B 232 -4.46 16.59 5.10
CA TYR B 232 -4.95 16.25 3.79
C TYR B 232 -4.10 16.97 2.75
N ILE B 233 -3.34 16.19 1.97
CA ILE B 233 -2.45 16.74 0.95
C ILE B 233 -2.94 16.22 -0.39
N ASN B 234 -3.23 17.13 -1.31
CA ASN B 234 -3.92 16.83 -2.55
C ASN B 234 -3.10 17.42 -3.70
N PHE B 235 -2.47 16.56 -4.48
CA PHE B 235 -1.67 16.98 -5.61
C PHE B 235 -2.57 17.03 -6.84
N THR B 236 -2.79 18.24 -7.36
CA THR B 236 -3.52 18.40 -8.61
C THR B 236 -2.62 18.21 -9.82
N SER B 237 -1.33 17.98 -9.60
CA SER B 237 -0.37 17.88 -10.69
C SER B 237 -0.46 16.53 -11.39
N LEU B 238 -0.02 16.51 -12.64
CA LEU B 238 -0.02 15.28 -13.43
C LEU B 238 1.28 15.20 -14.23
N SER B 239 1.88 14.01 -14.22
CA SER B 239 3.16 13.82 -14.88
C SER B 239 3.00 13.92 -16.40
N SER B 240 4.10 14.24 -17.06
CA SER B 240 4.05 14.55 -18.48
C SER B 240 3.97 13.28 -19.32
N GLY B 241 3.33 13.40 -20.48
CA GLY B 241 3.30 12.37 -21.48
C GLY B 241 4.28 12.57 -22.61
N GLY B 242 5.06 13.64 -22.59
CA GLY B 242 6.10 13.85 -23.55
C GLY B 242 5.78 14.82 -24.68
N THR B 243 4.57 15.36 -24.74
CA THR B 243 4.19 16.21 -25.85
C THR B 243 3.29 17.33 -25.36
N ALA B 244 3.09 18.32 -26.25
CA ALA B 244 2.24 19.45 -25.93
C ALA B 244 0.83 19.01 -25.56
N TRP B 245 0.40 17.86 -26.06
CA TRP B 245 -0.92 17.34 -25.74
C TRP B 245 -1.02 16.72 -24.35
N ASN B 246 0.08 16.38 -23.69
CA ASN B 246 -0.03 15.86 -22.33
C ASN B 246 1.05 16.39 -21.39
N SER B 247 1.68 17.50 -21.71
CA SER B 247 2.65 18.04 -20.78
C SER B 247 1.96 18.42 -19.48
N PRO B 248 2.71 18.68 -18.41
CA PRO B 248 2.08 19.17 -17.18
C PRO B 248 1.45 20.53 -17.36
N TYR B 249 1.93 21.31 -18.34
CA TYR B 249 1.29 22.57 -18.65
C TYR B 249 -0.09 22.32 -19.23
N TYR B 250 -0.19 21.47 -20.25
CA TYR B 250 -1.49 21.16 -20.84
C TYR B 250 -2.46 20.69 -19.77
N TYR B 251 -2.06 19.67 -19.00
CA TYR B 251 -2.93 19.16 -17.95
C TYR B 251 -3.36 20.26 -16.99
N ALA B 252 -2.42 21.11 -16.57
CA ALA B 252 -2.74 22.14 -15.59
C ALA B 252 -3.71 23.16 -16.14
N SER B 253 -3.66 23.45 -17.44
CA SER B 253 -4.58 24.43 -18.02
C SER B 253 -6.04 23.97 -17.95
N TYR B 254 -6.29 22.67 -17.78
CA TYR B 254 -7.64 22.16 -17.61
C TYR B 254 -7.96 21.79 -16.17
N ILE B 255 -6.98 21.26 -15.43
CA ILE B 255 -7.23 20.77 -14.09
C ILE B 255 -7.42 21.92 -13.11
N ASN B 256 -6.59 22.97 -13.23
CA ASN B 256 -6.65 24.07 -12.27
C ASN B 256 -8.03 24.73 -12.23
N PRO B 257 -8.57 25.23 -13.35
CA PRO B 257 -9.91 25.84 -13.28
C PRO B 257 -11.01 24.82 -13.02
N GLU B 258 -10.85 23.59 -13.49
CA GLU B 258 -11.85 22.56 -13.19
C GLU B 258 -11.98 22.37 -11.69
N ILE B 259 -10.85 22.26 -10.99
CA ILE B 259 -10.88 22.10 -9.54
C ILE B 259 -11.24 23.42 -8.86
N ALA B 260 -10.91 24.55 -9.49
CA ALA B 260 -11.33 25.84 -8.94
C ALA B 260 -12.86 25.94 -8.91
N ASN B 261 -13.51 25.56 -10.00
CA ASN B 261 -14.97 25.55 -10.02
C ASN B 261 -15.51 24.59 -8.97
N TYR B 262 -14.90 23.40 -8.86
CA TYR B 262 -15.36 22.42 -7.89
C TYR B 262 -15.39 23.00 -6.48
N ILE B 263 -14.47 23.91 -6.16
CA ILE B 263 -14.48 24.55 -4.85
C ILE B 263 -15.54 25.64 -4.79
N LYS B 264 -15.58 26.52 -5.80
CA LYS B 264 -16.62 27.54 -5.90
C LYS B 264 -18.02 26.91 -5.78
N GLN B 265 -18.27 25.88 -6.58
CA GLN B 265 -19.56 25.19 -6.58
C GLN B 265 -19.95 24.70 -5.18
N LYS B 266 -19.00 24.14 -4.43
CA LYS B 266 -19.32 23.46 -3.18
C LYS B 266 -19.16 24.35 -1.94
N ASN B 267 -18.56 25.53 -2.07
CA ASN B 267 -18.34 26.46 -0.96
C ASN B 267 -17.96 25.69 0.32
N PRO B 268 -16.90 24.90 0.29
CA PRO B 268 -16.60 24.01 1.41
C PRO B 268 -15.92 24.72 2.57
N ALA B 269 -16.04 24.13 3.75
CA ALA B 269 -15.42 24.69 4.94
C ALA B 269 -13.95 24.36 5.04
N ARG B 270 -13.44 23.48 4.17
CA ARG B 270 -12.06 23.03 4.22
C ARG B 270 -11.77 22.24 2.97
N VAL B 271 -10.61 22.48 2.36
CA VAL B 271 -10.22 21.79 1.14
C VAL B 271 -8.82 21.19 1.21
N GLY B 272 -8.09 21.40 2.29
CA GLY B 272 -6.80 20.78 2.45
C GLY B 272 -5.64 21.55 1.85
N TRP B 273 -4.51 20.85 1.78
CA TRP B 273 -3.25 21.39 1.24
C TRP B 273 -3.20 21.02 -0.24
N VAL B 274 -3.57 21.96 -1.10
CA VAL B 274 -3.72 21.71 -2.53
C VAL B 274 -2.43 22.14 -3.21
N ILE B 275 -1.71 21.17 -3.77
CA ILE B 275 -0.43 21.40 -4.41
C ILE B 275 -0.64 21.35 -5.91
N GLN B 276 -0.39 22.47 -6.58
CA GLN B 276 -0.72 22.63 -7.98
C GLN B 276 0.50 22.98 -8.80
N ASP B 277 0.45 22.64 -10.08
CA ASP B 277 1.42 23.09 -11.07
C ASP B 277 1.02 24.46 -11.60
N TYR B 278 2.00 25.11 -12.22
CA TYR B 278 1.80 26.40 -12.90
C TYR B 278 0.82 27.33 -12.21
N ILE B 279 1.21 27.83 -11.04
CA ILE B 279 0.48 28.93 -10.42
C ILE B 279 0.71 30.17 -11.28
N ASN B 280 -0.38 30.79 -11.75
CA ASN B 280 -0.30 31.96 -12.60
C ASN B 280 -1.64 32.68 -12.56
N GLU B 281 -1.81 33.66 -13.46
CA GLU B 281 -3.05 34.42 -13.57
C GLU B 281 -3.76 34.17 -14.91
N LYS B 282 -3.41 33.09 -15.61
CA LYS B 282 -3.92 32.90 -16.97
C LYS B 282 -5.31 32.26 -16.99
N TRP B 283 -5.60 31.34 -16.07
CA TRP B 283 -6.81 30.52 -16.12
C TRP B 283 -7.69 30.85 -14.93
N SER B 284 -8.96 31.18 -15.20
CA SER B 284 -9.90 31.49 -14.15
C SER B 284 -11.07 30.50 -14.15
N PRO B 285 -11.69 30.25 -12.98
CA PRO B 285 -11.29 30.85 -11.71
C PRO B 285 -9.94 30.33 -11.21
N LEU B 286 -9.29 31.08 -10.32
CA LEU B 286 -7.95 30.77 -9.86
C LEU B 286 -8.00 29.76 -8.71
N LEU B 287 -7.38 28.59 -8.92
CA LEU B 287 -7.46 27.52 -7.92
C LEU B 287 -6.96 27.98 -6.56
N TYR B 288 -5.80 28.61 -6.50
CA TYR B 288 -5.26 29.03 -5.21
C TYR B 288 -6.18 30.03 -4.53
N GLN B 289 -6.74 30.98 -5.30
CA GLN B 289 -7.66 31.95 -4.73
C GLN B 289 -8.84 31.26 -4.04
N GLU B 290 -9.40 30.23 -4.68
CA GLU B 290 -10.53 29.52 -4.10
C GLU B 290 -10.11 28.69 -2.90
N VAL B 291 -8.86 28.23 -2.89
CA VAL B 291 -8.32 27.48 -1.76
C VAL B 291 -8.17 28.37 -0.53
N ILE B 292 -7.63 29.58 -0.71
CA ILE B 292 -7.50 30.49 0.42
C ILE B 292 -8.87 30.89 0.93
N ARG B 293 -9.81 31.19 0.03
CA ARG B 293 -11.13 31.63 0.42
C ARG B 293 -11.86 30.56 1.21
N ALA B 294 -11.48 29.30 1.04
CA ALA B 294 -12.10 28.22 1.80
C ALA B 294 -11.82 28.33 3.29
N ASN B 295 -11.01 29.30 3.72
CA ASN B 295 -10.75 29.53 5.14
C ASN B 295 -11.70 30.53 5.76
N LYS B 296 -12.70 31.00 5.02
CA LYS B 296 -13.62 31.99 5.57
C LYS B 296 -14.21 31.52 6.89
N SER B 297 -14.51 30.22 6.99
CA SER B 297 -15.14 29.69 8.19
C SER B 297 -14.23 29.72 9.41
N LEU B 298 -12.95 30.05 9.25
CA LEU B 298 -12.03 30.08 10.38
C LEU B 298 -11.96 31.43 11.08
N ILE B 299 -12.60 32.46 10.55
CA ILE B 299 -12.44 33.83 11.05
C ILE B 299 -13.60 34.31 11.90
N THR C 4 -13.19 -30.38 15.01
CA THR C 4 -13.02 -31.00 13.70
C THR C 4 -13.55 -30.08 12.59
N SER C 5 -12.65 -29.23 12.06
CA SER C 5 -12.93 -28.33 10.93
C SER C 5 -11.70 -28.29 10.03
N SER C 6 -11.95 -28.16 8.72
CA SER C 6 -10.85 -28.13 7.76
C SER C 6 -11.20 -27.23 6.58
N VAL C 7 -10.15 -26.74 5.89
CA VAL C 7 -10.32 -25.98 4.66
C VAL C 7 -10.92 -26.83 3.53
N ASN C 8 -10.82 -28.16 3.61
CA ASN C 8 -11.49 -29.00 2.63
C ASN C 8 -12.96 -28.63 2.53
N GLU C 9 -13.60 -28.38 3.68
CA GLU C 9 -15.05 -28.18 3.69
C GLU C 9 -15.46 -26.91 2.96
N LEU C 10 -14.55 -25.94 2.83
CA LEU C 10 -14.84 -24.75 2.03
C LEU C 10 -15.05 -25.06 0.56
N GLU C 11 -14.66 -26.26 0.10
CA GLU C 11 -14.82 -26.62 -1.30
C GLU C 11 -16.22 -27.13 -1.62
N ASN C 12 -17.07 -27.32 -0.62
CA ASN C 12 -18.44 -27.79 -0.83
C ASN C 12 -19.36 -26.57 -0.91
N TRP C 13 -19.62 -26.13 -2.14
CA TRP C 13 -20.37 -24.89 -2.33
C TRP C 13 -21.76 -24.94 -1.70
N SER C 14 -22.28 -26.12 -1.40
CA SER C 14 -23.61 -26.21 -0.78
C SER C 14 -23.56 -26.09 0.74
N LYS C 15 -22.40 -26.30 1.36
CA LYS C 15 -22.29 -26.32 2.81
C LYS C 15 -21.09 -25.51 3.28
N TRP C 16 -20.64 -24.52 2.50
CA TRP C 16 -19.32 -23.97 2.76
C TRP C 16 -19.25 -23.16 4.04
N MET C 17 -20.38 -22.79 4.63
CA MET C 17 -20.35 -22.09 5.92
C MET C 17 -20.22 -23.04 7.11
N GLN C 18 -20.32 -24.35 6.88
CA GLN C 18 -20.21 -25.30 7.98
C GLN C 18 -18.91 -25.18 8.76
N PRO C 19 -17.73 -25.18 8.13
CA PRO C 19 -16.48 -25.16 8.91
C PRO C 19 -16.17 -23.84 9.58
N ILE C 20 -16.94 -22.79 9.33
CA ILE C 20 -16.68 -21.48 9.94
C ILE C 20 -17.21 -21.50 11.37
N PRO C 21 -16.43 -21.02 12.35
CA PRO C 21 -16.89 -21.02 13.74
C PRO C 21 -18.19 -20.24 13.91
N ASP C 22 -19.02 -20.71 14.84
CA ASP C 22 -20.32 -20.09 15.07
C ASP C 22 -20.23 -18.66 15.59
N SER C 23 -19.10 -18.27 16.18
CA SER C 23 -18.94 -16.94 16.77
C SER C 23 -18.52 -15.87 15.77
N ILE C 24 -18.18 -16.22 14.55
CA ILE C 24 -17.70 -15.22 13.59
C ILE C 24 -18.88 -14.36 13.11
N PRO C 25 -18.77 -13.04 13.14
CA PRO C 25 -19.87 -12.21 12.60
C PRO C 25 -20.00 -12.35 11.10
N LEU C 26 -21.24 -12.28 10.63
CA LEU C 26 -21.50 -12.39 9.20
C LEU C 26 -20.72 -11.34 8.41
N ALA C 27 -20.57 -10.15 8.97
CA ALA C 27 -19.87 -9.09 8.24
C ALA C 27 -18.42 -9.47 7.96
N ARG C 28 -17.79 -10.19 8.90
CA ARG C 28 -16.41 -10.62 8.70
C ARG C 28 -16.31 -11.61 7.54
N ILE C 29 -17.28 -12.52 7.45
CA ILE C 29 -17.23 -13.55 6.44
C ILE C 29 -17.23 -12.93 5.06
N SER C 30 -16.41 -13.48 4.17
CA SER C 30 -16.45 -13.11 2.76
C SER C 30 -17.56 -13.94 2.13
N ILE C 31 -18.53 -13.28 1.53
CA ILE C 31 -19.74 -13.97 1.11
C ILE C 31 -20.07 -13.63 -0.34
N PRO C 32 -20.36 -14.63 -1.17
CA PRO C 32 -20.81 -14.33 -2.53
C PRO C 32 -22.29 -14.04 -2.57
N GLY C 33 -22.66 -13.16 -3.50
CA GLY C 33 -24.05 -12.85 -3.73
C GLY C 33 -24.33 -12.72 -5.21
N THR C 34 -25.61 -12.62 -5.52
CA THR C 34 -26.08 -12.41 -6.89
C THR C 34 -26.87 -11.11 -6.97
N HIS C 35 -26.62 -10.33 -8.03
CA HIS C 35 -27.26 -9.04 -8.23
C HIS C 35 -28.49 -9.21 -9.11
N ASP C 36 -29.60 -8.59 -8.71
CA ASP C 36 -30.88 -8.75 -9.40
C ASP C 36 -31.24 -10.23 -9.51
N SER C 37 -31.28 -10.90 -8.35
CA SER C 37 -31.23 -12.35 -8.34
C SER C 37 -32.34 -13.01 -9.15
N GLY C 38 -33.48 -12.34 -9.31
CA GLY C 38 -34.65 -12.98 -9.89
C GLY C 38 -34.91 -12.77 -11.37
N THR C 39 -33.90 -12.33 -12.12
CA THR C 39 -34.09 -12.02 -13.53
C THR C 39 -33.88 -13.21 -14.46
N PHE C 40 -33.91 -14.44 -13.93
CA PHE C 40 -33.49 -15.60 -14.70
C PHE C 40 -34.59 -16.22 -15.53
N LYS C 41 -35.82 -15.69 -15.49
CA LYS C 41 -36.88 -16.23 -16.32
C LYS C 41 -37.11 -15.40 -17.58
N LEU C 42 -36.42 -14.28 -17.73
CA LEU C 42 -36.63 -13.42 -18.88
C LEU C 42 -36.22 -14.13 -20.17
N GLN C 43 -37.01 -13.93 -21.21
CA GLN C 43 -36.80 -14.54 -22.52
C GLN C 43 -36.75 -13.52 -23.66
N ASN C 44 -37.60 -12.51 -23.62
CA ASN C 44 -37.59 -11.48 -24.65
C ASN C 44 -36.19 -10.88 -24.76
N PRO C 45 -35.62 -10.78 -25.96
CA PRO C 45 -34.23 -10.33 -26.07
C PRO C 45 -34.02 -8.89 -25.60
N ILE C 46 -34.98 -8.01 -25.85
CA ILE C 46 -34.82 -6.62 -25.41
C ILE C 46 -34.82 -6.56 -23.89
N LYS C 47 -35.68 -7.34 -23.24
CA LYS C 47 -35.66 -7.38 -21.79
C LYS C 47 -34.31 -7.91 -21.30
N GLN C 48 -33.72 -8.84 -22.04
CA GLN C 48 -32.47 -9.45 -21.61
C GLN C 48 -31.32 -8.45 -21.65
N VAL C 49 -31.10 -7.80 -22.79
CA VAL C 49 -29.93 -6.94 -22.92
C VAL C 49 -29.98 -5.78 -21.95
N TRP C 50 -31.17 -5.39 -21.50
CA TRP C 50 -31.31 -4.28 -20.58
C TRP C 50 -31.34 -4.72 -19.12
N GLY C 51 -31.94 -5.86 -18.81
CA GLY C 51 -32.28 -6.19 -17.44
C GLY C 51 -31.87 -7.55 -16.90
N MET C 52 -31.51 -8.50 -17.75
CA MET C 52 -31.17 -9.83 -17.29
C MET C 52 -29.79 -9.85 -16.64
N THR C 53 -29.70 -10.44 -15.45
CA THR C 53 -28.44 -10.53 -14.72
C THR C 53 -28.11 -11.94 -14.26
N GLN C 54 -29.01 -12.91 -14.43
CA GLN C 54 -28.75 -14.28 -14.04
C GLN C 54 -29.44 -15.21 -15.02
N GLU C 55 -28.82 -16.35 -15.29
CA GLU C 55 -29.38 -17.33 -16.22
C GLU C 55 -29.86 -18.60 -15.53
N TYR C 56 -29.62 -18.76 -14.24
CA TYR C 56 -30.08 -19.94 -13.51
C TYR C 56 -30.93 -19.52 -12.32
N ASP C 57 -31.73 -20.46 -11.81
CA ASP C 57 -32.72 -20.15 -10.79
C ASP C 57 -32.05 -20.03 -9.42
N PHE C 58 -32.87 -19.76 -8.39
CA PHE C 58 -32.34 -19.47 -7.05
C PHE C 58 -31.53 -20.65 -6.51
N ARG C 59 -32.05 -21.87 -6.65
CA ARG C 59 -31.36 -23.04 -6.11
C ARG C 59 -30.01 -23.25 -6.78
N TYR C 60 -29.92 -23.01 -8.09
CA TYR C 60 -28.62 -23.06 -8.76
C TYR C 60 -27.66 -22.09 -8.10
N GLN C 61 -28.10 -20.85 -7.90
CA GLN C 61 -27.23 -19.84 -7.30
C GLN C 61 -26.72 -20.31 -5.94
N MET C 62 -27.63 -20.75 -5.08
CA MET C 62 -27.23 -21.19 -3.75
C MET C 62 -26.28 -22.39 -3.85
N ASP C 63 -26.55 -23.32 -4.76
CA ASP C 63 -25.69 -24.48 -4.91
C ASP C 63 -24.31 -24.14 -5.47
N HIS C 64 -24.12 -22.92 -5.97
CA HIS C 64 -22.81 -22.45 -6.37
C HIS C 64 -22.21 -21.48 -5.38
N GLY C 65 -22.68 -21.53 -4.12
CA GLY C 65 -22.07 -20.83 -3.01
C GLY C 65 -22.70 -19.49 -2.66
N ALA C 66 -23.59 -18.96 -3.49
CA ALA C 66 -24.21 -17.68 -3.19
C ALA C 66 -25.09 -17.75 -1.95
N ARG C 67 -24.88 -16.82 -1.01
CA ARG C 67 -25.72 -16.74 0.18
C ARG C 67 -26.42 -15.40 0.31
N ILE C 68 -26.04 -14.39 -0.45
CA ILE C 68 -26.67 -13.08 -0.43
C ILE C 68 -27.50 -12.94 -1.70
N PHE C 69 -28.74 -12.47 -1.55
CA PHE C 69 -29.66 -12.37 -2.66
C PHE C 69 -30.29 -10.99 -2.72
N ASP C 70 -30.22 -10.39 -3.91
CA ASP C 70 -30.63 -9.02 -4.13
C ASP C 70 -32.05 -9.06 -4.71
N ILE C 71 -33.04 -9.02 -3.81
CA ILE C 71 -34.45 -9.17 -4.16
C ILE C 71 -35.07 -7.79 -4.33
N ARG C 72 -35.63 -7.53 -5.52
CA ARG C 72 -36.27 -6.27 -5.84
C ARG C 72 -37.76 -6.49 -6.03
N GLY C 73 -38.57 -5.87 -5.16
CA GLY C 73 -39.99 -6.16 -5.14
C GLY C 73 -40.88 -5.01 -5.54
N ARG C 74 -42.12 -5.35 -5.92
CA ARG C 74 -43.18 -4.39 -6.14
C ARG C 74 -44.46 -4.92 -5.52
N LEU C 75 -45.20 -4.05 -4.85
CA LEU C 75 -46.46 -4.43 -4.22
C LEU C 75 -47.56 -4.31 -5.27
N THR C 76 -48.28 -5.42 -5.50
CA THR C 76 -49.32 -5.48 -6.52
C THR C 76 -50.67 -5.16 -5.90
N ASP C 77 -51.69 -5.13 -6.75
CA ASP C 77 -53.03 -4.76 -6.31
C ASP C 77 -53.74 -5.88 -5.55
N ASP C 78 -53.27 -7.12 -5.59
CA ASP C 78 -53.83 -8.15 -4.72
C ASP C 78 -52.98 -8.36 -3.47
N ASN C 79 -52.18 -7.37 -3.09
CA ASN C 79 -51.51 -7.33 -1.79
C ASN C 79 -50.44 -8.39 -1.64
N THR C 80 -49.78 -8.72 -2.74
CA THR C 80 -48.59 -9.55 -2.71
C THR C 80 -47.43 -8.73 -3.26
N ILE C 81 -46.23 -9.21 -3.03
CA ILE C 81 -45.01 -8.57 -3.50
C ILE C 81 -44.41 -9.47 -4.59
N VAL C 82 -44.24 -8.92 -5.77
CA VAL C 82 -43.63 -9.62 -6.89
C VAL C 82 -42.25 -9.02 -7.14
N LEU C 83 -41.46 -9.70 -7.96
CA LEU C 83 -40.09 -9.28 -8.23
C LEU C 83 -40.07 -8.44 -9.49
N HIS C 84 -39.21 -7.41 -9.48
CA HIS C 84 -39.09 -6.49 -10.61
C HIS C 84 -37.61 -6.20 -10.86
N ALA C 85 -37.33 -5.80 -12.10
CA ALA C 85 -36.05 -5.19 -12.46
C ALA C 85 -36.42 -3.89 -13.15
N GLY C 86 -36.27 -2.78 -12.44
CA GLY C 86 -36.81 -1.53 -12.91
C GLY C 86 -38.30 -1.69 -13.13
N PRO C 87 -38.76 -1.42 -14.36
CA PRO C 87 -40.18 -1.58 -14.69
C PRO C 87 -40.56 -2.95 -15.26
N LEU C 88 -39.65 -3.92 -15.28
CA LEU C 88 -39.92 -5.22 -15.85
C LEU C 88 -40.50 -6.17 -14.80
N TYR C 89 -41.66 -6.75 -15.10
CA TYR C 89 -42.15 -7.88 -14.36
C TYR C 89 -41.26 -9.08 -14.66
N LEU C 90 -40.92 -9.84 -13.61
CA LEU C 90 -39.92 -10.90 -13.71
C LEU C 90 -40.52 -12.31 -13.64
N TYR C 91 -41.83 -12.44 -13.42
CA TYR C 91 -42.50 -13.74 -13.34
C TYR C 91 -41.99 -14.59 -12.19
N VAL C 92 -41.53 -13.92 -11.14
CA VAL C 92 -41.08 -14.54 -9.91
C VAL C 92 -41.73 -13.77 -8.75
N THR C 93 -42.18 -14.50 -7.74
CA THR C 93 -42.81 -13.87 -6.59
C THR C 93 -41.90 -13.99 -5.37
N LEU C 94 -42.18 -13.14 -4.37
CA LEU C 94 -41.37 -13.14 -3.16
C LEU C 94 -41.51 -14.47 -2.41
N HIS C 95 -42.74 -15.00 -2.34
CA HIS C 95 -42.93 -16.33 -1.75
C HIS C 95 -42.09 -17.36 -2.47
N GLU C 96 -42.08 -17.30 -3.81
CA GLU C 96 -41.29 -18.24 -4.60
C GLU C 96 -39.85 -18.29 -4.12
N PHE C 97 -39.24 -17.13 -3.88
CA PHE C 97 -37.86 -17.11 -3.43
C PHE C 97 -37.73 -17.64 -2.00
N ILE C 98 -38.60 -17.16 -1.10
CA ILE C 98 -38.53 -17.58 0.29
C ILE C 98 -38.69 -19.10 0.40
N ASN C 99 -39.52 -19.68 -0.47
CA ASN C 99 -39.68 -21.12 -0.46
C ASN C 99 -38.42 -21.83 -0.93
N GLU C 100 -37.72 -21.27 -1.93
CA GLU C 100 -36.47 -21.85 -2.38
C GLU C 100 -35.41 -21.74 -1.29
N ALA C 101 -35.38 -20.61 -0.57
CA ALA C 101 -34.45 -20.48 0.54
C ALA C 101 -34.79 -21.48 1.65
N LYS C 102 -36.08 -21.66 1.94
CA LYS C 102 -36.47 -22.63 2.95
C LYS C 102 -35.97 -24.02 2.59
N GLN C 103 -36.27 -24.48 1.38
CA GLN C 103 -35.80 -25.79 0.95
C GLN C 103 -34.29 -25.89 1.04
N PHE C 104 -33.58 -24.84 0.62
CA PHE C 104 -32.12 -24.90 0.68
C PHE C 104 -31.65 -25.02 2.12
N LEU C 105 -32.24 -24.23 3.02
CA LEU C 105 -31.82 -24.29 4.42
C LEU C 105 -32.14 -25.63 5.07
N LYS C 106 -33.24 -26.28 4.65
CA LYS C 106 -33.54 -27.62 5.19
C LYS C 106 -32.52 -28.65 4.71
N ASP C 107 -32.11 -28.58 3.45
CA ASP C 107 -31.13 -29.55 2.96
C ASP C 107 -29.73 -29.26 3.51
N ASN C 108 -29.42 -28.00 3.75
CA ASN C 108 -28.09 -27.58 4.21
C ASN C 108 -28.28 -26.69 5.43
N PRO C 109 -28.65 -27.28 6.57
CA PRO C 109 -29.00 -26.48 7.75
C PRO C 109 -27.82 -25.75 8.38
N SER C 110 -26.59 -26.03 7.91
CA SER C 110 -25.40 -25.33 8.36
C SER C 110 -25.29 -23.92 7.80
N GLU C 111 -26.07 -23.58 6.79
CA GLU C 111 -25.94 -22.33 6.07
C GLU C 111 -26.95 -21.29 6.55
N THR C 112 -26.75 -20.06 6.09
CA THR C 112 -27.70 -18.97 6.27
C THR C 112 -27.93 -18.32 4.91
N ILE C 113 -29.09 -17.67 4.76
CA ILE C 113 -29.43 -16.93 3.55
C ILE C 113 -29.67 -15.48 3.94
N ILE C 114 -28.96 -14.57 3.28
CA ILE C 114 -29.09 -13.15 3.49
C ILE C 114 -29.91 -12.59 2.34
N MET C 115 -31.05 -11.97 2.65
CA MET C 115 -31.97 -11.45 1.64
C MET C 115 -32.01 -9.93 1.74
N SER C 116 -31.44 -9.27 0.74
CA SER C 116 -31.58 -7.83 0.63
C SER C 116 -32.90 -7.55 -0.10
N LEU C 117 -33.77 -6.78 0.54
CA LEU C 117 -35.08 -6.45 -0.03
C LEU C 117 -35.17 -4.95 -0.27
N LYS C 118 -35.58 -4.59 -1.48
CA LYS C 118 -35.73 -3.20 -1.86
C LYS C 118 -37.06 -3.03 -2.59
N LYS C 119 -37.68 -1.87 -2.40
CA LYS C 119 -38.89 -1.53 -3.14
C LYS C 119 -38.46 -0.98 -4.49
N GLU C 120 -38.66 -1.77 -5.55
CA GLU C 120 -38.06 -1.48 -6.84
C GLU C 120 -38.89 -0.56 -7.73
N TYR C 121 -40.20 -0.46 -7.49
CA TYR C 121 -41.09 0.34 -8.33
C TYR C 121 -42.30 0.78 -7.51
N GLU C 122 -42.96 1.85 -7.97
CA GLU C 122 -44.13 2.37 -7.26
C GLU C 122 -45.18 1.29 -7.04
N ASP C 123 -45.83 1.35 -5.87
CA ASP C 123 -46.93 0.44 -5.58
C ASP C 123 -47.99 0.51 -6.67
N MET C 124 -48.70 -0.61 -6.87
CA MET C 124 -49.90 -0.56 -7.67
C MET C 124 -51.00 0.16 -6.89
N LYS C 125 -51.86 0.87 -7.64
CA LYS C 125 -52.83 1.75 -6.98
C LYS C 125 -53.80 0.97 -6.10
N GLY C 126 -54.19 -0.23 -6.53
CA GLY C 126 -55.22 -0.97 -5.82
C GLY C 126 -54.81 -1.56 -4.49
N ALA C 127 -53.57 -1.38 -4.05
CA ALA C 127 -53.14 -2.04 -2.83
C ALA C 127 -53.73 -1.34 -1.61
N GLU C 128 -53.96 -2.11 -0.55
CA GLU C 128 -54.61 -1.59 0.65
C GLU C 128 -53.62 -1.06 1.69
N ASP C 129 -52.36 -1.46 1.62
CA ASP C 129 -51.36 -1.14 2.62
C ASP C 129 -50.09 -0.63 1.93
N SER C 130 -49.08 -0.33 2.74
CA SER C 130 -47.80 0.11 2.23
C SER C 130 -46.89 -1.09 1.97
N PHE C 131 -45.85 -0.86 1.16
CA PHE C 131 -44.87 -1.90 0.87
C PHE C 131 -44.28 -2.48 2.14
N SER C 132 -43.78 -1.62 3.02
CA SER C 132 -43.12 -2.08 4.23
C SER C 132 -44.09 -2.82 5.14
N SER C 133 -45.32 -2.30 5.30
CA SER C 133 -46.28 -2.94 6.17
C SER C 133 -46.73 -4.29 5.61
N THR C 134 -47.01 -4.35 4.31
CA THR C 134 -47.39 -5.62 3.70
C THR C 134 -46.30 -6.66 3.92
N PHE C 135 -45.06 -6.30 3.59
CA PHE C 135 -43.97 -7.26 3.71
C PHE C 135 -43.82 -7.76 5.14
N GLU C 136 -43.88 -6.85 6.11
CA GLU C 136 -43.59 -7.24 7.48
C GLU C 136 -44.74 -8.04 8.07
N LYS C 137 -45.97 -7.71 7.71
CA LYS C 137 -47.11 -8.42 8.28
C LYS C 137 -47.38 -9.75 7.57
N LYS C 138 -47.15 -9.82 6.25
CA LYS C 138 -47.54 -11.01 5.50
C LYS C 138 -46.36 -11.93 5.17
N TYR C 139 -45.12 -11.45 5.30
CA TYR C 139 -43.96 -12.27 4.99
C TYR C 139 -42.97 -12.34 6.16
N PHE C 140 -42.63 -11.19 6.75
CA PHE C 140 -41.48 -11.17 7.65
C PHE C 140 -41.78 -11.91 8.95
N VAL C 141 -43.01 -11.81 9.46
CA VAL C 141 -43.33 -12.42 10.74
C VAL C 141 -43.12 -13.91 10.72
N ASP C 142 -42.98 -14.50 9.54
CA ASP C 142 -42.59 -15.88 9.42
C ASP C 142 -41.38 -16.17 10.31
N PRO C 143 -41.35 -17.30 11.02
CA PRO C 143 -40.23 -17.60 11.92
C PRO C 143 -38.92 -17.87 11.21
N ILE C 144 -38.93 -18.08 9.89
CA ILE C 144 -37.67 -18.36 9.20
C ILE C 144 -36.75 -17.16 9.24
N PHE C 145 -37.32 -15.96 9.36
CA PHE C 145 -36.51 -14.75 9.43
C PHE C 145 -35.99 -14.56 10.86
N LEU C 146 -34.67 -14.52 10.99
CA LEU C 146 -34.06 -14.20 12.27
C LEU C 146 -34.46 -12.78 12.68
N LYS C 147 -34.91 -12.62 13.92
CA LYS C 147 -35.47 -11.36 14.37
C LYS C 147 -34.53 -10.55 15.25
N THR C 148 -33.37 -11.11 15.61
CA THR C 148 -32.43 -10.39 16.45
C THR C 148 -31.58 -9.46 15.59
N GLU C 149 -30.81 -8.60 16.26
CA GLU C 149 -30.05 -7.59 15.52
C GLU C 149 -28.61 -7.54 15.97
N GLY C 150 -28.01 -6.35 15.99
CA GLY C 150 -26.62 -6.22 16.40
C GLY C 150 -25.67 -6.70 15.31
N ASN C 151 -24.49 -7.17 15.75
CA ASN C 151 -23.49 -7.71 14.83
C ASN C 151 -23.78 -9.20 14.71
N ILE C 152 -24.66 -9.54 13.77
CA ILE C 152 -25.26 -10.86 13.70
C ILE C 152 -24.18 -11.92 13.55
N LYS C 153 -24.21 -12.92 14.43
CA LYS C 153 -23.25 -13.99 14.39
C LYS C 153 -23.73 -15.14 13.52
N LEU C 154 -22.77 -15.81 12.89
CA LEU C 154 -23.08 -16.95 12.04
C LEU C 154 -23.91 -18.00 12.79
N GLY C 155 -23.54 -18.25 14.06
CA GLY C 155 -24.27 -19.24 14.83
C GLY C 155 -25.76 -18.95 14.94
N ASP C 156 -26.11 -17.67 15.06
CA ASP C 156 -27.51 -17.29 15.14
C ASP C 156 -28.22 -17.34 13.79
N ALA C 157 -27.48 -17.23 12.69
CA ALA C 157 -28.10 -17.17 11.38
C ALA C 157 -28.28 -18.54 10.74
N ARG C 158 -27.55 -19.55 11.19
CA ARG C 158 -27.71 -20.88 10.61
C ARG C 158 -29.17 -21.30 10.61
N GLY C 159 -29.64 -21.81 9.48
CA GLY C 159 -31.02 -22.24 9.31
C GLY C 159 -32.06 -21.13 9.20
N LYS C 160 -31.66 -19.87 9.20
CA LYS C 160 -32.59 -18.75 9.12
C LYS C 160 -32.27 -17.91 7.90
N ILE C 161 -33.18 -16.99 7.59
CA ILE C 161 -32.95 -15.92 6.62
C ILE C 161 -32.65 -14.65 7.40
N VAL C 162 -31.56 -13.97 7.02
CA VAL C 162 -31.17 -12.70 7.64
C VAL C 162 -31.57 -11.57 6.70
N LEU C 163 -32.43 -10.69 7.17
CA LEU C 163 -32.97 -9.62 6.33
C LEU C 163 -32.00 -8.44 6.32
N LEU C 164 -31.74 -7.90 5.12
CA LEU C 164 -31.02 -6.65 4.96
C LEU C 164 -31.99 -5.64 4.35
N LYS C 165 -32.47 -4.72 5.18
CA LYS C 165 -33.51 -3.78 4.77
C LYS C 165 -32.92 -2.71 3.86
N ARG C 166 -33.38 -2.67 2.62
CA ARG C 166 -33.17 -1.54 1.73
C ARG C 166 -34.48 -0.82 1.43
N TYR C 167 -35.40 -0.80 2.40
CA TYR C 167 -36.68 -0.11 2.28
C TYR C 167 -36.91 0.67 3.56
N SER C 168 -37.61 1.80 3.44
CA SER C 168 -37.93 2.60 4.61
C SER C 168 -39.23 2.12 5.26
N GLY C 169 -39.41 2.49 6.53
CA GLY C 169 -40.65 2.29 7.23
C GLY C 169 -40.70 1.10 8.17
N SER C 170 -39.60 0.38 8.37
CA SER C 170 -39.64 -0.80 9.20
C SER C 170 -40.22 -0.51 10.58
N ASN C 171 -41.09 -1.41 11.04
CA ASN C 171 -41.62 -1.40 12.39
C ASN C 171 -41.34 -2.70 13.13
N GLU C 172 -40.62 -3.65 12.52
CA GLU C 172 -40.33 -4.93 13.13
C GLU C 172 -38.82 -5.12 13.26
N PRO C 173 -38.33 -5.45 14.45
CA PRO C 173 -36.89 -5.71 14.61
C PRO C 173 -36.47 -6.99 13.91
N GLY C 174 -35.20 -7.02 13.50
CA GLY C 174 -34.65 -8.16 12.81
C GLY C 174 -33.77 -7.76 11.64
N GLY C 175 -32.63 -8.42 11.50
CA GLY C 175 -31.76 -8.19 10.36
C GLY C 175 -30.92 -6.92 10.52
N TYR C 176 -30.52 -6.38 9.37
CA TYR C 176 -29.72 -5.16 9.32
C TYR C 176 -30.63 -3.98 8.97
N ASN C 177 -30.58 -2.95 9.80
CA ASN C 177 -31.48 -1.82 9.60
C ASN C 177 -31.20 -1.15 8.27
N ASN C 178 -32.23 -0.50 7.74
CA ASN C 178 -32.05 0.35 6.57
C ASN C 178 -31.04 1.45 6.88
N PHE C 179 -30.32 1.89 5.85
CA PHE C 179 -29.35 2.96 6.03
C PHE C 179 -29.20 3.76 4.74
N TYR C 180 -28.64 4.96 4.89
CA TYR C 180 -28.46 5.86 3.76
C TYR C 180 -27.66 5.18 2.65
N TRP C 181 -28.25 5.12 1.45
CA TRP C 181 -27.66 4.42 0.31
C TRP C 181 -27.62 5.35 -0.89
N PRO C 182 -26.72 6.33 -0.89
CA PRO C 182 -26.69 7.31 -1.99
C PRO C 182 -26.53 6.63 -3.33
N ASP C 183 -27.08 7.27 -4.36
CA ASP C 183 -27.15 6.65 -5.69
C ASP C 183 -25.80 6.73 -6.39
N ASN C 184 -25.32 5.57 -6.87
CA ASN C 184 -24.20 5.47 -7.80
C ASN C 184 -22.91 6.01 -7.21
N GLU C 185 -22.58 5.54 -6.00
CA GLU C 185 -21.43 6.02 -5.27
C GLU C 185 -20.75 4.89 -4.53
N THR C 186 -19.55 5.17 -4.03
CA THR C 186 -18.93 4.40 -2.97
C THR C 186 -19.05 5.22 -1.69
N PHE C 187 -19.59 4.61 -0.63
CA PHE C 187 -19.97 5.40 0.53
C PHE C 187 -19.82 4.59 1.82
N THR C 188 -19.75 5.30 2.93
CA THR C 188 -19.61 4.68 4.25
C THR C 188 -20.58 5.36 5.22
N THR C 189 -21.32 4.57 5.98
CA THR C 189 -22.25 5.09 6.98
C THR C 189 -22.40 4.06 8.08
N THR C 190 -23.34 4.32 8.99
CA THR C 190 -23.63 3.44 10.12
C THR C 190 -24.82 2.55 9.80
N VAL C 191 -24.79 1.33 10.30
CA VAL C 191 -25.91 0.41 10.15
C VAL C 191 -26.81 0.56 11.36
N ASN C 192 -26.39 -0.01 12.48
CA ASN C 192 -26.97 0.30 13.76
C ASN C 192 -25.90 0.94 14.62
N GLN C 193 -26.23 1.26 15.86
CA GLN C 193 -25.20 1.71 16.78
C GLN C 193 -24.18 0.59 16.93
N ASN C 194 -22.91 0.92 16.73
CA ASN C 194 -21.72 0.10 16.92
C ASN C 194 -21.26 -0.60 15.63
N ALA C 195 -22.04 -0.54 14.55
CA ALA C 195 -21.64 -1.17 13.29
C ALA C 195 -21.62 -0.13 12.17
N ASN C 196 -20.56 -0.17 11.36
CA ASN C 196 -20.43 0.69 10.20
C ASN C 196 -20.43 -0.14 8.92
N VAL C 197 -20.75 0.50 7.80
CA VAL C 197 -20.87 -0.23 6.53
C VAL C 197 -20.26 0.59 5.39
N THR C 198 -19.55 -0.08 4.50
CA THR C 198 -19.01 0.51 3.29
C THR C 198 -19.53 -0.27 2.10
N VAL C 199 -20.09 0.44 1.13
CA VAL C 199 -20.72 -0.16 -0.05
C VAL C 199 -20.15 0.50 -1.29
N GLN C 200 -19.75 -0.32 -2.26
CA GLN C 200 -19.36 0.14 -3.58
C GLN C 200 -20.47 -0.26 -4.56
N ASP C 201 -21.28 0.70 -4.96
CA ASP C 201 -22.41 0.41 -5.84
C ASP C 201 -22.40 1.33 -7.05
N LYS C 202 -21.22 1.56 -7.62
CA LYS C 202 -21.11 2.40 -8.80
C LYS C 202 -21.62 1.67 -10.03
N TYR C 203 -22.92 1.37 -10.08
CA TYR C 203 -23.51 1.03 -11.36
C TYR C 203 -23.48 2.27 -12.25
N LYS C 204 -23.60 2.07 -13.56
CA LYS C 204 -23.67 3.22 -14.47
C LYS C 204 -22.39 4.06 -14.38
N VAL C 205 -21.26 3.41 -14.67
CA VAL C 205 -19.94 4.05 -14.67
C VAL C 205 -19.09 3.41 -15.76
N SER C 206 -18.07 4.13 -16.20
CA SER C 206 -17.19 3.58 -17.23
C SER C 206 -16.62 2.24 -16.78
N TYR C 207 -16.38 1.37 -17.75
CA TYR C 207 -15.83 0.06 -17.41
C TYR C 207 -14.57 0.20 -16.56
N ASP C 208 -13.65 1.08 -16.98
CA ASP C 208 -12.38 1.20 -16.28
C ASP C 208 -12.57 1.71 -14.85
N GLU C 209 -13.44 2.71 -14.66
CA GLU C 209 -13.71 3.17 -13.31
C GLU C 209 -14.40 2.10 -12.48
N LYS C 210 -15.19 1.23 -13.12
CA LYS C 210 -15.84 0.15 -12.38
C LYS C 210 -14.80 -0.79 -11.78
N VAL C 211 -13.96 -1.38 -12.64
CA VAL C 211 -12.96 -2.34 -12.18
C VAL C 211 -12.06 -1.70 -11.12
N LYS C 212 -11.67 -0.45 -11.33
CA LYS C 212 -10.79 0.22 -10.37
C LYS C 212 -11.46 0.42 -9.01
N SER C 213 -12.78 0.61 -9.00
CA SER C 213 -13.49 0.86 -7.76
C SER C 213 -13.75 -0.43 -6.98
N ILE C 214 -14.01 -1.54 -7.67
CA ILE C 214 -14.07 -2.84 -7.00
C ILE C 214 -12.76 -3.11 -6.27
N LYS C 215 -11.65 -2.98 -6.99
CA LYS C 215 -10.35 -3.31 -6.41
C LYS C 215 -10.04 -2.38 -5.25
N ASP C 216 -10.28 -1.07 -5.42
CA ASP C 216 -10.05 -0.12 -4.34
C ASP C 216 -10.79 -0.54 -3.09
N THR C 217 -12.09 -0.84 -3.22
CA THR C 217 -12.87 -1.18 -2.04
C THR C 217 -12.46 -2.55 -1.49
N MET C 218 -12.09 -3.49 -2.36
CA MET C 218 -11.57 -4.75 -1.86
C MET C 218 -10.23 -4.53 -1.14
N ASP C 219 -9.41 -3.62 -1.67
CA ASP C 219 -8.17 -3.30 -0.98
C ASP C 219 -8.46 -2.81 0.43
N GLU C 220 -9.47 -1.96 0.61
CA GLU C 220 -9.79 -1.47 1.94
C GLU C 220 -10.34 -2.58 2.83
N THR C 221 -11.10 -3.51 2.25
CA THR C 221 -11.53 -4.70 3.01
C THR C 221 -10.32 -5.54 3.40
N MET C 222 -9.49 -5.84 2.41
CA MET C 222 -8.27 -6.63 2.59
C MET C 222 -7.43 -6.09 3.74
N ASN C 223 -7.11 -4.79 3.69
CA ASN C 223 -6.25 -4.11 4.64
C ASN C 223 -6.92 -3.83 5.98
N ASN C 224 -8.20 -4.18 6.13
CA ASN C 224 -8.92 -4.02 7.39
C ASN C 224 -9.55 -5.34 7.81
N SER C 225 -8.83 -6.44 7.61
CA SER C 225 -9.44 -7.76 7.70
C SER C 225 -9.98 -8.11 9.09
N GLU C 226 -9.47 -7.48 10.15
CA GLU C 226 -9.85 -7.87 11.50
C GLU C 226 -10.85 -6.92 12.15
N ASP C 227 -11.35 -5.93 11.40
CA ASP C 227 -12.44 -5.07 11.87
C ASP C 227 -13.73 -5.87 11.74
N LEU C 228 -14.17 -6.48 12.85
CA LEU C 228 -15.30 -7.40 12.80
C LEU C 228 -16.64 -6.71 12.66
N ASN C 229 -16.73 -5.41 12.98
CA ASN C 229 -18.02 -4.73 13.00
C ASN C 229 -18.36 -4.02 11.68
N HIS C 230 -17.44 -3.98 10.73
CA HIS C 230 -17.59 -3.14 9.55
C HIS C 230 -18.05 -4.00 8.38
N LEU C 231 -19.22 -3.68 7.83
CA LEU C 231 -19.71 -4.38 6.65
C LEU C 231 -19.05 -3.82 5.41
N TYR C 232 -18.59 -4.72 4.54
CA TYR C 232 -18.06 -4.36 3.23
C TYR C 232 -18.90 -5.06 2.18
N ILE C 233 -19.62 -4.29 1.38
CA ILE C 233 -20.47 -4.80 0.31
C ILE C 233 -19.96 -4.23 -1.00
N ASN C 234 -19.69 -5.12 -1.95
CA ASN C 234 -18.98 -4.80 -3.19
C ASN C 234 -19.78 -5.36 -4.36
N PHE C 235 -20.41 -4.48 -5.15
CA PHE C 235 -21.18 -4.89 -6.31
C PHE C 235 -20.26 -4.90 -7.53
N THR C 236 -19.97 -6.09 -8.05
CA THR C 236 -19.21 -6.18 -9.29
C THR C 236 -20.08 -6.02 -10.53
N SER C 237 -21.39 -5.84 -10.35
CA SER C 237 -22.30 -5.77 -11.48
C SER C 237 -22.21 -4.38 -12.13
N LEU C 238 -22.61 -4.32 -13.40
CA LEU C 238 -22.57 -3.06 -14.13
C LEU C 238 -23.83 -2.92 -14.98
N SER C 239 -24.44 -1.74 -14.93
CA SER C 239 -25.71 -1.51 -15.60
C SER C 239 -25.53 -1.57 -17.11
N SER C 240 -26.62 -1.87 -17.80
CA SER C 240 -26.56 -2.15 -19.24
C SER C 240 -26.44 -0.87 -20.06
N GLY C 241 -25.79 -1.01 -21.22
CA GLY C 241 -25.75 0.02 -22.23
C GLY C 241 -26.69 -0.20 -23.39
N GLY C 242 -27.44 -1.29 -23.41
CA GLY C 242 -28.45 -1.51 -24.43
C GLY C 242 -28.07 -2.43 -25.56
N THR C 243 -26.84 -2.94 -25.60
CA THR C 243 -26.41 -3.77 -26.71
C THR C 243 -25.51 -4.89 -26.20
N ALA C 244 -25.27 -5.84 -27.10
CA ALA C 244 -24.42 -6.98 -26.74
C ALA C 244 -23.03 -6.52 -26.33
N TRP C 245 -22.61 -5.35 -26.83
CA TRP C 245 -21.32 -4.77 -26.47
C TRP C 245 -21.29 -4.12 -25.09
N ASN C 246 -22.45 -3.85 -24.46
CA ASN C 246 -22.40 -3.32 -23.09
C ASN C 246 -23.48 -3.90 -22.20
N SER C 247 -24.05 -5.04 -22.54
CA SER C 247 -25.03 -5.62 -21.64
C SER C 247 -24.38 -5.98 -20.32
N PRO C 248 -25.15 -6.26 -19.27
CA PRO C 248 -24.56 -6.77 -18.03
C PRO C 248 -23.93 -8.13 -18.20
N TYR C 249 -24.38 -8.91 -19.19
CA TYR C 249 -23.72 -10.17 -19.51
C TYR C 249 -22.32 -9.94 -20.06
N TYR C 250 -22.22 -9.11 -21.12
CA TYR C 250 -20.91 -8.79 -21.68
C TYR C 250 -19.97 -8.31 -20.60
N TYR C 251 -20.41 -7.33 -19.81
CA TYR C 251 -19.55 -6.81 -18.74
C TYR C 251 -19.13 -7.93 -17.79
N ALA C 252 -20.08 -8.80 -17.42
CA ALA C 252 -19.78 -9.84 -16.44
C ALA C 252 -18.78 -10.87 -16.95
N SER C 253 -18.80 -11.16 -18.26
CA SER C 253 -17.87 -12.15 -18.80
C SER C 253 -16.42 -11.68 -18.71
N TYR C 254 -16.18 -10.40 -18.49
CA TYR C 254 -14.83 -9.87 -18.27
C TYR C 254 -14.56 -9.55 -16.81
N ILE C 255 -15.56 -9.02 -16.09
CA ILE C 255 -15.34 -8.57 -14.71
C ILE C 255 -15.17 -9.77 -13.78
N ASN C 256 -15.97 -10.82 -13.98
CA ASN C 256 -15.94 -11.97 -13.09
C ASN C 256 -14.57 -12.64 -13.03
N PRO C 257 -13.99 -13.06 -14.16
CA PRO C 257 -12.63 -13.63 -14.07
C PRO C 257 -11.58 -12.60 -13.69
N GLU C 258 -11.73 -11.34 -14.11
CA GLU C 258 -10.77 -10.32 -13.72
C GLU C 258 -10.71 -10.16 -12.20
N ILE C 259 -11.87 -10.07 -11.55
CA ILE C 259 -11.88 -9.93 -10.09
C ILE C 259 -11.53 -11.25 -9.42
N ALA C 260 -11.84 -12.39 -10.06
CA ALA C 260 -11.40 -13.67 -9.51
C ALA C 260 -9.88 -13.74 -9.48
N ASN C 261 -9.21 -13.34 -10.57
CA ASN C 261 -7.76 -13.29 -10.57
C ASN C 261 -7.22 -12.34 -9.50
N TYR C 262 -7.86 -11.16 -9.36
CA TYR C 262 -7.38 -10.21 -8.36
C TYR C 262 -7.35 -10.83 -6.97
N ILE C 263 -8.28 -11.74 -6.66
CA ILE C 263 -8.27 -12.39 -5.37
C ILE C 263 -7.19 -13.46 -5.31
N LYS C 264 -7.11 -14.29 -6.35
CA LYS C 264 -6.05 -15.29 -6.44
C LYS C 264 -4.68 -14.63 -6.24
N GLN C 265 -4.41 -13.57 -7.00
CA GLN C 265 -3.13 -12.86 -6.94
C GLN C 265 -2.77 -12.40 -5.53
N LYS C 266 -3.72 -11.82 -4.80
CA LYS C 266 -3.41 -11.17 -3.52
C LYS C 266 -3.59 -12.08 -2.31
N ASN C 267 -4.18 -13.26 -2.49
CA ASN C 267 -4.45 -14.24 -1.45
C ASN C 267 -4.88 -13.53 -0.15
N PRO C 268 -5.96 -12.74 -0.20
CA PRO C 268 -6.30 -11.90 0.95
C PRO C 268 -7.05 -12.68 2.02
N ALA C 269 -6.98 -12.15 3.24
CA ALA C 269 -7.66 -12.76 4.38
C ALA C 269 -9.14 -12.40 4.44
N ARG C 270 -9.60 -11.49 3.59
CA ARG C 270 -10.98 -11.02 3.60
C ARG C 270 -11.24 -10.20 2.36
N VAL C 271 -12.39 -10.42 1.73
CA VAL C 271 -12.77 -9.73 0.51
C VAL C 271 -14.18 -9.15 0.58
N GLY C 272 -14.92 -9.37 1.65
CA GLY C 272 -16.22 -8.76 1.80
C GLY C 272 -17.36 -9.55 1.17
N TRP C 273 -18.50 -8.88 1.08
CA TRP C 273 -19.71 -9.44 0.50
C TRP C 273 -19.71 -9.06 -0.98
N VAL C 274 -19.29 -9.98 -1.84
CA VAL C 274 -19.08 -9.69 -3.25
C VAL C 274 -20.34 -10.14 -4.00
N ILE C 275 -21.08 -9.16 -4.55
CA ILE C 275 -22.35 -9.38 -5.24
C ILE C 275 -22.10 -9.24 -6.73
N GLN C 276 -22.31 -10.32 -7.48
CA GLN C 276 -21.94 -10.41 -8.88
C GLN C 276 -23.13 -10.78 -9.77
N ASP C 277 -23.02 -10.38 -11.03
CA ASP C 277 -23.97 -10.82 -12.05
C ASP C 277 -23.57 -12.18 -12.61
N TYR C 278 -24.53 -12.81 -13.27
CA TYR C 278 -24.33 -14.07 -13.98
C TYR C 278 -23.37 -15.02 -13.30
N ILE C 279 -23.76 -15.55 -12.15
CA ILE C 279 -23.03 -16.67 -11.55
C ILE C 279 -23.29 -17.91 -12.42
N ASN C 280 -22.20 -18.51 -12.91
CA ASN C 280 -22.28 -19.69 -13.77
C ASN C 280 -20.92 -20.39 -13.72
N GLU C 281 -20.72 -21.37 -14.61
CA GLU C 281 -19.48 -22.13 -14.66
C GLU C 281 -18.68 -21.87 -15.93
N LYS C 282 -18.99 -20.79 -16.65
CA LYS C 282 -18.43 -20.57 -17.99
C LYS C 282 -17.05 -19.93 -17.97
N TRP C 283 -16.78 -19.03 -17.02
CA TRP C 283 -15.59 -18.20 -17.04
C TRP C 283 -14.73 -18.55 -15.84
N SER C 284 -13.47 -18.88 -16.08
CA SER C 284 -12.56 -19.23 -15.01
C SER C 284 -11.42 -18.19 -14.94
N PRO C 285 -10.88 -17.93 -13.75
CA PRO C 285 -11.31 -18.55 -12.48
C PRO C 285 -12.69 -18.07 -12.04
N LEU C 286 -13.35 -18.87 -11.19
CA LEU C 286 -14.71 -18.60 -10.77
C LEU C 286 -14.71 -17.66 -9.58
N LEU C 287 -15.32 -16.47 -9.76
CA LEU C 287 -15.24 -15.41 -8.75
C LEU C 287 -15.78 -15.89 -7.41
N TYR C 288 -16.99 -16.47 -7.40
CA TYR C 288 -17.58 -16.90 -6.13
C TYR C 288 -16.71 -17.96 -5.44
N GLN C 289 -16.12 -18.88 -6.20
CA GLN C 289 -15.21 -19.85 -5.60
C GLN C 289 -14.07 -19.15 -4.86
N GLU C 290 -13.48 -18.13 -5.48
CA GLU C 290 -12.36 -17.45 -4.82
C GLU C 290 -12.82 -16.63 -3.61
N VAL C 291 -14.05 -16.13 -3.64
CA VAL C 291 -14.57 -15.38 -2.50
C VAL C 291 -14.72 -16.30 -1.29
N ILE C 292 -15.25 -17.50 -1.52
CA ILE C 292 -15.43 -18.44 -0.42
C ILE C 292 -14.08 -18.89 0.12
N ARG C 293 -13.12 -19.15 -0.77
CA ARG C 293 -11.80 -19.60 -0.32
C ARG C 293 -11.10 -18.53 0.51
N ALA C 294 -11.46 -17.26 0.30
CA ALA C 294 -10.85 -16.19 1.09
C ALA C 294 -11.19 -16.30 2.57
N ASN C 295 -12.03 -17.25 2.95
CA ASN C 295 -12.37 -17.49 4.35
C ASN C 295 -11.44 -18.51 5.00
N LYS C 296 -10.41 -18.96 4.29
CA LYS C 296 -9.52 -19.98 4.85
C LYS C 296 -8.95 -19.56 6.19
N SER C 297 -8.65 -18.27 6.34
CA SER C 297 -8.03 -17.78 7.57
C SER C 297 -8.93 -17.90 8.80
N LEU C 298 -10.21 -18.21 8.62
CA LEU C 298 -11.16 -18.29 9.72
C LEU C 298 -11.23 -19.67 10.37
N ILE C 299 -10.51 -20.65 9.84
CA ILE C 299 -10.70 -22.03 10.26
C ILE C 299 -9.65 -22.59 11.24
C1 INS D . 28.04 -21.05 -3.35
C2 INS D . 29.00 -21.43 -4.48
C3 INS D . 29.09 -20.39 -5.60
C4 INS D . 27.77 -19.75 -6.03
C5 INS D . 26.79 -19.37 -4.90
C6 INS D . 26.71 -20.46 -3.81
O1 INS D . 27.71 -22.21 -2.61
O2 INS D . 28.61 -22.68 -5.01
O3 INS D . 29.59 -21.03 -6.75
O4 INS D . 28.10 -18.55 -6.68
O5 INS D . 27.14 -18.11 -4.40
O6 INS D . 26.12 -19.95 -2.65
H1 INS D . 28.49 -20.41 -2.76
H2 INS D . 29.89 -21.53 -4.10
H3 INS D . 29.70 -19.70 -5.32
H4 INS D . 27.32 -20.33 -6.65
H5 INS D . 25.90 -19.30 -5.30
H6 INS D . 26.16 -21.18 -4.14
HO1 INS D . 28.25 -22.30 -1.96
HO2 INS D . 29.22 -23.26 -4.87
HO3 INS D . 29.49 -20.53 -7.43
HO4 INS D . 28.68 -18.71 -7.29
HO5 INS D . 26.46 -17.61 -4.40
HO6 INS D . 26.16 -20.53 -2.03
C1 INS E . 7.37 11.20 -7.91
C2 INS E . 6.90 11.43 -6.45
C3 INS E . 5.84 12.53 -6.17
C4 INS E . 5.53 13.58 -7.28
C5 INS E . 6.52 13.67 -8.47
C6 INS E . 7.10 12.30 -8.97
O1 INS E . 8.25 10.15 -8.21
O2 INS E . 7.61 10.88 -5.36
O3 INS E . 5.41 12.72 -4.84
O4 INS E . 4.28 14.25 -7.32
O5 INS E . 5.95 14.38 -9.54
O6 INS E . 7.11 11.95 -10.35
H1 INS E . 8.15 11.72 -7.68
H2 INS E . 7.55 12.15 -6.43
H3 INS E . 6.58 13.10 -5.95
H4 INS E . 5.10 12.86 -7.77
H5 INS E . 7.29 14.19 -8.17
H6 INS E . 6.18 12.00 -8.97
HO1 INS E . 9.05 10.41 -8.11
HO2 INS E . 7.35 10.08 -5.24
HO3 INS E . 5.44 11.99 -4.42
HO4 INS E . 3.81 14.01 -6.66
HO5 INS E . 5.24 13.99 -9.79
HO6 INS E . 7.79 12.27 -10.72
C1 INS F . -28.07 -0.90 -8.07
C2 INS F . -28.64 -1.03 -9.49
C3 INS F . -29.47 0.20 -9.85
C4 INS F . -30.62 0.42 -8.86
C5 INS F . -30.26 0.34 -7.37
C6 INS F . -29.19 -0.73 -7.04
O1 INS F . -27.35 -2.06 -7.77
O2 INS F . -29.48 -2.15 -9.56
O3 INS F . -30.00 0.01 -11.14
O4 INS F . -31.12 1.70 -9.11
O5 INS F . -29.85 1.61 -6.94
O6 INS F . -28.61 -0.40 -5.80
H1 INS F . -27.48 -0.13 -8.04
H2 INS F . -27.91 -1.12 -10.12
H3 INS F . -28.90 0.98 -9.86
H4 INS F . -31.32 -0.23 -9.05
H5 INS F . -31.06 0.10 -6.89
H6 INS F . -29.64 -1.58 -6.94
HO1 INS F . -26.62 -1.85 -7.40
HO2 INS F . -29.16 -2.72 -10.11
HO3 INS F . -29.62 0.54 -11.69
HO4 INS F . -31.77 1.66 -9.67
HO5 INS F . -30.52 2.14 -6.90
HO6 INS F . -28.73 -1.04 -5.25
#